data_5F6Z
#
_entry.id   5F6Z
#
_cell.length_a   93.394
_cell.length_b   93.394
_cell.length_c   246.426
_cell.angle_alpha   90.00
_cell.angle_beta   90.00
_cell.angle_gamma   90.00
#
_symmetry.space_group_name_H-M   'P 41 21 2'
#
loop_
_entity.id
_entity.type
_entity.pdbx_description
1 polymer 'Sandercyanin Fluorescent Protein'
2 non-polymer 'BILIVERDINE IX ALPHA'
3 non-polymer 2-acetamido-2-deoxy-beta-D-glucopyranose
4 water water
#
_entity_poly.entity_id   1
_entity_poly.type   'polypeptide(L)'
_entity_poly.pdbx_seq_one_letter_code
;SFIKPGRCPKPAVQEDFDAARYLGVWYDIQRLPNKFQKGECATATYSLSPGVGFSVFNRERLANGTIKSVIGSAIAEDPC
EPAKLQFFHENAAPVPYWVLSTDYDNYALVYSCINLGASHAAYASIVSRQPTLPEETIKKLQGTMSSFGVGVDTLLTTNQ
DAAYCSAMAQ
;
_entity_poly.pdbx_strand_id   A,B,C,D
#
# COMPACT_ATOMS: atom_id res chain seq x y z
N SER A 1 -4.54 14.04 -12.20
CA SER A 1 -5.91 13.58 -12.18
C SER A 1 -6.54 13.44 -13.59
N PHE A 2 -5.80 12.87 -14.55
CA PHE A 2 -6.26 12.70 -15.94
C PHE A 2 -6.27 11.24 -16.47
N ILE A 3 -7.46 10.72 -16.79
CA ILE A 3 -7.61 9.32 -17.20
C ILE A 3 -7.20 9.02 -18.64
N LYS A 4 -6.31 8.05 -18.76
CA LYS A 4 -5.83 7.54 -20.03
C LYS A 4 -5.90 6.02 -19.96
N PRO A 5 -5.99 5.37 -21.11
CA PRO A 5 -6.05 3.90 -21.00
C PRO A 5 -4.69 3.29 -20.73
N GLY A 6 -4.72 2.06 -20.21
CA GLY A 6 -3.53 1.34 -19.79
C GLY A 6 -3.18 1.52 -18.33
N ARG A 7 -2.32 0.63 -17.84
CA ARG A 7 -1.80 0.76 -16.49
C ARG A 7 -0.71 1.83 -16.48
N CYS A 8 -0.37 2.34 -15.30
CA CYS A 8 0.67 3.35 -15.20
C CYS A 8 1.97 2.92 -15.86
N PRO A 9 2.50 3.77 -16.75
CA PRO A 9 3.86 3.51 -17.25
C PRO A 9 4.86 3.76 -16.15
N LYS A 10 6.10 3.29 -16.34
CA LYS A 10 7.16 3.55 -15.38
C LYS A 10 8.31 4.17 -16.13
N PRO A 11 8.24 5.49 -16.37
CA PRO A 11 9.31 6.12 -17.13
C PRO A 11 10.53 6.25 -16.25
N ALA A 12 11.70 6.47 -16.85
CA ALA A 12 12.96 6.63 -16.13
C ALA A 12 12.92 7.89 -15.31
N VAL A 13 13.62 7.86 -14.20
CA VAL A 13 13.65 9.02 -13.34
C VAL A 13 14.99 9.71 -13.42
N GLN A 14 15.05 10.89 -12.82
CA GLN A 14 16.27 11.67 -12.81
C GLN A 14 17.37 10.96 -12.00
N GLU A 15 18.50 10.74 -12.65
CA GLU A 15 19.65 10.03 -12.08
C GLU A 15 20.31 10.82 -10.96
N ASP A 16 20.64 10.12 -9.87
CA ASP A 16 21.26 10.71 -8.70
C ASP A 16 20.52 11.96 -8.28
N PHE A 17 19.20 11.85 -8.23
CA PHE A 17 18.41 13.01 -7.93
C PHE A 17 18.77 13.61 -6.56
N ASP A 18 18.97 14.91 -6.58
CA ASP A 18 19.49 15.68 -5.47
C ASP A 18 18.48 16.73 -5.07
N ALA A 19 17.72 16.44 -4.03
CA ALA A 19 16.63 17.31 -3.63
C ALA A 19 17.06 18.71 -3.18
N ALA A 20 18.27 18.83 -2.66
CA ALA A 20 18.76 20.10 -2.15
C ALA A 20 18.91 21.14 -3.29
N ARG A 21 19.21 20.65 -4.49
CA ARG A 21 19.33 21.51 -5.68
C ARG A 21 17.96 21.73 -6.35
N TYR A 22 16.97 20.95 -5.94
CA TYR A 22 15.64 21.03 -6.52
C TYR A 22 14.78 22.00 -5.74
N LEU A 23 15.30 22.49 -4.62
CA LEU A 23 14.52 23.38 -3.78
C LEU A 23 14.39 24.73 -4.47
N GLY A 24 13.53 25.57 -3.90
CA GLY A 24 13.25 26.87 -4.46
C GLY A 24 11.95 26.97 -5.25
N VAL A 25 11.93 27.89 -6.20
CA VAL A 25 10.71 28.25 -6.91
C VAL A 25 10.66 27.67 -8.32
N TRP A 26 9.56 27.00 -8.65
CA TRP A 26 9.35 26.52 -10.00
C TRP A 26 8.05 27.13 -10.58
N TYR A 27 8.10 27.52 -11.84
CA TYR A 27 6.93 28.00 -12.53
C TYR A 27 6.34 26.91 -13.41
N ASP A 28 5.02 26.73 -13.34
CA ASP A 28 4.31 25.83 -14.23
C ASP A 28 4.32 26.38 -15.66
N ILE A 29 4.87 25.62 -16.61
CA ILE A 29 4.91 26.07 -17.98
C ILE A 29 3.74 25.40 -18.73
N GLN A 30 3.72 24.07 -18.76
CA GLN A 30 2.53 23.33 -19.20
C GLN A 30 2.33 22.04 -18.44
N ARG A 31 1.10 21.55 -18.45
CA ARG A 31 0.76 20.36 -17.69
C ARG A 31 -0.47 19.66 -18.23
N LEU A 32 -0.61 18.39 -17.88
CA LEU A 32 -1.82 17.66 -18.19
C LEU A 32 -2.99 18.29 -17.43
N PRO A 33 -4.20 18.17 -17.99
CA PRO A 33 -5.42 18.62 -17.30
C PRO A 33 -5.56 17.96 -15.95
N ASN A 34 -5.94 18.73 -14.93
CA ASN A 34 -6.14 18.16 -13.59
C ASN A 34 -7.30 18.81 -12.83
N LYS A 35 -7.56 18.35 -11.61
CA LYS A 35 -8.68 18.86 -10.84
C LYS A 35 -8.22 19.86 -9.77
N PHE A 36 -6.91 20.10 -9.66
CA PHE A 36 -6.45 20.98 -8.59
C PHE A 36 -6.08 22.38 -9.06
N GLN A 37 -5.51 22.51 -10.27
CA GLN A 37 -5.24 23.82 -10.86
C GLN A 37 -6.47 24.41 -11.52
N LYS A 38 -6.86 25.57 -11.01
CA LYS A 38 -8.11 26.21 -11.36
C LYS A 38 -7.90 27.59 -12.00
N GLY A 39 -6.63 27.97 -12.15
CA GLY A 39 -6.31 29.26 -12.68
C GLY A 39 -5.00 29.28 -13.44
N GLU A 40 -4.19 30.28 -13.12
CA GLU A 40 -2.93 30.46 -13.81
C GLU A 40 -1.83 30.90 -12.86
N CYS A 41 -0.67 31.26 -13.42
CA CYS A 41 0.43 31.79 -12.64
C CYS A 41 0.91 30.79 -11.59
N ALA A 42 0.64 29.51 -11.82
CA ALA A 42 0.91 28.48 -10.84
C ALA A 42 2.39 28.38 -10.56
N THR A 43 2.76 28.41 -9.27
CA THR A 43 4.14 28.16 -8.86
C THR A 43 4.24 27.12 -7.74
N ALA A 44 5.36 26.38 -7.75
CA ALA A 44 5.69 25.48 -6.64
C ALA A 44 6.96 25.97 -5.97
N THR A 45 6.90 26.07 -4.66
CA THR A 45 8.04 26.43 -3.87
C THR A 45 8.40 25.29 -2.92
N TYR A 46 9.63 24.80 -3.03
CA TYR A 46 10.10 23.71 -2.19
C TYR A 46 11.12 24.19 -1.16
N SER A 47 10.90 23.80 0.11
CA SER A 47 11.67 24.31 1.25
C SER A 47 12.19 23.27 2.24
N LEU A 48 13.08 23.72 3.13
CA LEU A 48 13.68 22.85 4.13
C LEU A 48 12.64 22.18 5.01
N SER A 49 12.85 20.90 5.30
CA SER A 49 12.05 20.20 6.27
C SER A 49 12.98 19.83 7.42
N PRO A 50 12.51 20.03 8.66
CA PRO A 50 13.25 19.69 9.89
C PRO A 50 13.24 18.20 10.22
N GLY A 51 12.42 17.43 9.49
CA GLY A 51 12.43 15.98 9.53
C GLY A 51 13.05 15.40 8.28
N VAL A 52 12.32 14.54 7.59
CA VAL A 52 12.79 14.03 6.31
C VAL A 52 12.08 14.72 5.14
N GLY A 53 12.67 14.62 3.95
CA GLY A 53 12.09 15.18 2.75
C GLY A 53 12.14 16.69 2.73
N PHE A 54 11.13 17.30 2.12
CA PHE A 54 11.09 18.76 2.04
C PHE A 54 9.65 19.30 2.04
N SER A 55 9.53 20.61 2.28
CA SER A 55 8.23 21.26 2.38
C SER A 55 7.71 21.77 1.01
N VAL A 56 6.38 21.78 0.85
CA VAL A 56 5.74 22.19 -0.39
C VAL A 56 4.77 23.34 -0.18
N PHE A 57 4.87 24.35 -1.04
CA PHE A 57 3.87 25.44 -1.06
C PHE A 57 3.43 25.79 -2.47
N ASN A 58 2.23 25.36 -2.85
CA ASN A 58 1.70 25.64 -4.18
C ASN A 58 0.79 26.86 -4.25
N ARG A 59 0.89 27.59 -5.35
CA ARG A 59 0.19 28.85 -5.43
C ARG A 59 -0.21 29.27 -6.86
N GLU A 60 -1.46 29.70 -7.00
CA GLU A 60 -1.96 30.19 -8.29
C GLU A 60 -2.90 31.36 -8.14
N ARG A 61 -3.17 32.00 -9.27
CA ARG A 61 -4.12 33.09 -9.36
C ARG A 61 -5.40 32.62 -10.03
N LEU A 62 -6.52 32.95 -9.39
CA LEU A 62 -7.84 32.71 -9.95
C LEU A 62 -8.16 33.81 -10.96
N ALA A 63 -9.15 33.57 -11.83
CA ALA A 63 -9.55 34.56 -12.84
C ALA A 63 -10.02 35.87 -12.22
N ASN A 64 -10.62 35.80 -11.04
CA ASN A 64 -11.06 37.00 -10.34
C ASN A 64 -9.98 37.64 -9.48
N GLY A 65 -8.75 37.17 -9.66
CA GLY A 65 -7.62 37.75 -8.95
C GLY A 65 -7.33 37.13 -7.59
N THR A 66 -8.22 36.28 -7.09
CA THR A 66 -8.04 35.60 -5.81
C THR A 66 -6.88 34.60 -5.84
N ILE A 67 -6.01 34.66 -4.85
CA ILE A 67 -4.90 33.73 -4.79
C ILE A 67 -5.31 32.52 -3.98
N LYS A 68 -5.03 31.35 -4.51
CA LYS A 68 -5.30 30.11 -3.82
C LYS A 68 -3.99 29.38 -3.66
N SER A 69 -3.85 28.71 -2.52
CA SER A 69 -2.63 27.98 -2.21
C SER A 69 -2.85 26.75 -1.32
N VAL A 70 -1.91 25.81 -1.40
CA VAL A 70 -1.89 24.65 -0.52
C VAL A 70 -0.47 24.44 0.05
N ILE A 71 -0.38 23.86 1.25
CA ILE A 71 0.92 23.43 1.76
C ILE A 71 0.96 21.93 1.83
N GLY A 72 2.15 21.37 1.71
CA GLY A 72 2.28 19.94 1.79
C GLY A 72 3.67 19.52 2.17
N SER A 73 3.90 18.21 2.17
CA SER A 73 5.21 17.66 2.45
C SER A 73 5.57 16.61 1.41
N ALA A 74 6.82 16.65 0.97
CA ALA A 74 7.32 15.63 0.08
C ALA A 74 8.27 14.71 0.84
N ILE A 75 8.14 13.41 0.60
CA ILE A 75 9.01 12.47 1.27
C ILE A 75 9.41 11.43 0.26
N ALA A 76 10.72 11.19 0.16
CA ALA A 76 11.21 10.04 -0.58
C ALA A 76 11.22 8.86 0.38
N GLU A 77 10.21 7.99 0.26
CA GLU A 77 9.98 6.92 1.21
C GLU A 77 11.03 5.82 1.19
N ASP A 78 11.67 5.67 0.03
CA ASP A 78 12.83 4.80 -0.17
C ASP A 78 14.03 5.69 -0.56
N PRO A 79 15.00 5.89 0.37
CA PRO A 79 16.15 6.77 0.13
C PRO A 79 16.99 6.39 -1.09
N CYS A 80 16.90 5.14 -1.53
CA CYS A 80 17.67 4.66 -2.67
C CYS A 80 17.03 5.00 -4.02
N GLU A 81 15.81 5.49 -3.97
CA GLU A 81 15.12 5.96 -5.16
C GLU A 81 14.67 7.38 -4.81
N PRO A 82 15.62 8.30 -4.76
CA PRO A 82 15.27 9.62 -4.26
C PRO A 82 14.35 10.41 -5.20
N ALA A 83 14.30 10.04 -6.47
CA ALA A 83 13.45 10.75 -7.42
C ALA A 83 11.98 10.33 -7.37
N LYS A 84 11.70 9.27 -6.60
CA LYS A 84 10.32 8.78 -6.46
C LYS A 84 9.66 9.18 -5.12
N LEU A 85 9.10 10.39 -5.08
CA LEU A 85 8.57 10.96 -3.84
C LEU A 85 7.08 10.66 -3.66
N GLN A 86 6.61 10.97 -2.47
CA GLN A 86 5.19 10.95 -2.13
C GLN A 86 4.88 12.32 -1.63
N PHE A 87 3.83 12.92 -2.18
CA PHE A 87 3.42 14.24 -1.78
C PHE A 87 2.18 14.16 -0.92
N PHE A 88 2.25 14.81 0.24
CA PHE A 88 1.15 14.87 1.18
C PHE A 88 0.66 16.32 1.34
N HIS A 89 -0.37 16.69 0.59
CA HIS A 89 -0.98 18.02 0.65
C HIS A 89 -2.04 18.08 1.76
N GLU A 90 -2.25 19.27 2.33
CA GLU A 90 -3.34 19.42 3.29
C GLU A 90 -4.68 19.04 2.62
N ASN A 91 -5.48 18.26 3.36
CA ASN A 91 -6.81 17.83 2.91
C ASN A 91 -6.83 16.90 1.71
N ALA A 92 -5.69 16.32 1.39
CA ALA A 92 -5.58 15.38 0.28
C ALA A 92 -4.93 14.06 0.69
N ALA A 93 -5.33 12.99 0.01
CA ALA A 93 -4.68 11.69 0.09
C ALA A 93 -3.30 11.78 -0.57
N PRO A 94 -2.37 10.89 -0.18
CA PRO A 94 -1.02 10.91 -0.77
C PRO A 94 -1.01 10.72 -2.30
N VAL A 95 -0.11 11.41 -2.99
CA VAL A 95 0.03 11.28 -4.45
C VAL A 95 1.49 11.05 -4.80
N PRO A 96 1.77 10.19 -5.79
CA PRO A 96 3.16 10.02 -6.25
C PRO A 96 3.61 11.25 -6.97
N TYR A 97 4.92 11.43 -7.05
CA TYR A 97 5.50 12.59 -7.70
C TYR A 97 6.93 12.20 -8.08
N TRP A 98 7.17 11.89 -9.36
CA TRP A 98 8.52 11.49 -9.77
C TRP A 98 9.18 12.65 -10.52
N VAL A 99 10.45 12.94 -10.20
CA VAL A 99 11.18 13.90 -11.00
C VAL A 99 11.88 13.13 -12.08
N LEU A 100 11.32 13.15 -13.30
CA LEU A 100 11.87 12.35 -14.41
C LEU A 100 13.15 12.94 -15.01
N SER A 101 13.25 14.27 -15.03
CA SER A 101 14.37 14.95 -15.66
C SER A 101 14.45 16.34 -15.09
N THR A 102 15.65 16.75 -14.69
CA THR A 102 15.87 18.11 -14.22
C THR A 102 17.33 18.44 -14.31
N ASP A 103 17.62 19.69 -14.60
CA ASP A 103 19.00 20.15 -14.62
C ASP A 103 19.15 21.12 -13.46
N TYR A 104 18.11 21.17 -12.63
CA TYR A 104 18.06 21.93 -11.38
C TYR A 104 18.03 23.45 -11.52
N ASP A 105 18.82 24.01 -12.43
CA ASP A 105 18.83 25.47 -12.59
C ASP A 105 17.91 25.99 -13.72
N ASN A 106 17.27 25.10 -14.49
CA ASN A 106 16.40 25.58 -15.58
C ASN A 106 15.02 24.88 -15.67
N TYR A 107 15.03 23.55 -15.84
CA TYR A 107 13.79 22.86 -16.12
C TYR A 107 13.57 21.62 -15.28
N ALA A 108 12.37 21.09 -15.33
CA ALA A 108 12.07 19.83 -14.70
C ALA A 108 10.81 19.24 -15.30
N LEU A 109 10.85 17.95 -15.56
CA LEU A 109 9.70 17.21 -16.01
C LEU A 109 9.19 16.38 -14.82
N VAL A 110 8.02 16.72 -14.34
CA VAL A 110 7.42 16.05 -13.19
C VAL A 110 6.37 15.04 -13.63
N TYR A 111 6.36 13.88 -13.01
CA TYR A 111 5.37 12.89 -13.36
C TYR A 111 4.70 12.30 -12.12
N SER A 112 3.46 11.87 -12.29
CA SER A 112 2.69 11.31 -11.21
C SER A 112 1.63 10.41 -11.83
N CYS A 113 1.49 9.21 -11.31
CA CYS A 113 0.53 8.26 -11.84
C CYS A 113 -0.07 7.33 -10.79
N ILE A 114 -1.38 7.10 -10.89
CA ILE A 114 -2.11 6.22 -9.98
C ILE A 114 -2.97 5.27 -10.81
N ASN A 115 -2.89 3.98 -10.50
CA ASN A 115 -3.61 2.98 -11.29
C ASN A 115 -5.11 2.93 -11.03
N LEU A 116 -5.84 2.60 -12.09
CA LEU A 116 -7.28 2.47 -12.06
C LEU A 116 -7.65 1.27 -12.91
N GLY A 117 -7.36 0.07 -12.41
CA GLY A 117 -7.69 -1.15 -13.11
C GLY A 117 -6.85 -1.32 -14.34
N ALA A 118 -7.52 -1.28 -15.49
CA ALA A 118 -6.82 -1.29 -16.76
C ALA A 118 -6.59 0.14 -17.29
N SER A 119 -6.96 1.13 -16.49
CA SER A 119 -6.74 2.52 -16.84
C SER A 119 -5.90 3.15 -15.75
N HIS A 120 -5.53 4.41 -15.91
CA HIS A 120 -4.75 5.06 -14.87
C HIS A 120 -5.02 6.55 -14.87
N ALA A 121 -4.77 7.21 -13.75
CA ALA A 121 -4.85 8.65 -13.71
C ALA A 121 -3.45 9.24 -13.71
N ALA A 122 -3.19 10.15 -14.65
CA ALA A 122 -1.85 10.71 -14.79
C ALA A 122 -1.86 12.22 -14.60
N TYR A 123 -0.73 12.74 -14.19
CA TYR A 123 -0.45 14.16 -14.17
C TYR A 123 0.98 14.29 -14.62
N ALA A 124 1.25 15.23 -15.51
CA ALA A 124 2.62 15.46 -15.96
C ALA A 124 2.86 16.96 -16.05
N SER A 125 4.11 17.38 -15.90
CA SER A 125 4.35 18.81 -15.83
C SER A 125 5.72 19.26 -16.30
N ILE A 126 5.75 20.35 -17.06
CA ILE A 126 7.01 21.01 -17.38
C ILE A 126 7.12 22.26 -16.53
N VAL A 127 8.13 22.32 -15.67
CA VAL A 127 8.33 23.49 -14.83
C VAL A 127 9.67 24.11 -15.09
N SER A 128 9.84 25.33 -14.58
CA SER A 128 10.99 26.14 -14.91
C SER A 128 11.29 27.07 -13.78
N ARG A 129 12.52 27.55 -13.70
CA ARG A 129 12.90 28.48 -12.65
C ARG A 129 12.49 29.91 -13.04
N GLN A 130 12.11 30.05 -14.31
CA GLN A 130 11.60 31.31 -14.82
C GLN A 130 10.20 31.07 -15.36
N PRO A 131 9.40 32.14 -15.45
CA PRO A 131 8.01 32.04 -15.93
C PRO A 131 7.90 31.54 -17.36
N THR A 132 9.01 31.59 -18.11
CA THR A 132 9.01 31.00 -19.43
C THR A 132 10.11 29.97 -19.48
N LEU A 133 10.02 29.10 -20.48
CA LEU A 133 11.06 28.12 -20.76
C LEU A 133 11.25 28.12 -22.27
N PRO A 134 12.50 28.01 -22.76
CA PRO A 134 12.80 28.01 -24.19
C PRO A 134 12.03 26.96 -24.99
N GLU A 135 11.70 27.24 -26.24
CA GLU A 135 10.94 26.30 -27.05
C GLU A 135 11.67 24.96 -27.23
N GLU A 136 12.99 25.02 -27.38
CA GLU A 136 13.78 23.82 -27.58
C GLU A 136 13.76 22.90 -26.36
N THR A 137 13.89 23.49 -25.17
CA THR A 137 13.77 22.73 -23.93
C THR A 137 12.37 22.11 -23.80
N ILE A 138 11.31 22.88 -24.00
CA ILE A 138 9.95 22.31 -23.92
C ILE A 138 9.74 21.13 -24.86
N LYS A 139 10.24 21.24 -26.09
CA LYS A 139 10.02 20.17 -27.06
C LYS A 139 10.66 18.86 -26.60
N LYS A 140 11.87 18.95 -26.04
CA LYS A 140 12.58 17.78 -25.54
C LYS A 140 11.76 17.06 -24.45
N LEU A 141 11.27 17.85 -23.49
CA LEU A 141 10.47 17.28 -22.43
C LEU A 141 9.15 16.71 -23.01
N GLN A 142 8.64 17.34 -24.07
CA GLN A 142 7.49 16.80 -24.81
C GLN A 142 7.83 15.49 -25.52
N GLY A 143 9.05 15.35 -26.01
CA GLY A 143 9.45 14.11 -26.63
C GLY A 143 9.32 12.99 -25.62
N THR A 144 9.81 13.26 -24.42
CA THR A 144 9.79 12.31 -23.31
C THR A 144 8.36 12.02 -22.85
N MET A 145 7.56 13.06 -22.67
CA MET A 145 6.16 12.88 -22.28
C MET A 145 5.44 12.00 -23.31
N SER A 146 5.78 12.18 -24.59
CA SER A 146 5.14 11.43 -25.66
C SER A 146 5.50 9.98 -25.53
N SER A 147 6.70 9.73 -25.03
CA SER A 147 7.20 8.35 -24.90
C SER A 147 6.40 7.50 -23.93
N PHE A 148 5.70 8.13 -22.99
CA PHE A 148 4.80 7.41 -22.11
C PHE A 148 3.33 7.78 -22.30
N GLY A 149 3.03 8.23 -23.52
CA GLY A 149 1.68 8.26 -24.02
C GLY A 149 0.81 9.45 -23.68
N VAL A 150 1.42 10.58 -23.29
CA VAL A 150 0.67 11.82 -23.26
C VAL A 150 0.98 12.57 -24.55
N GLY A 151 -0.08 13.01 -25.22
CA GLY A 151 0.01 13.76 -26.46
C GLY A 151 0.15 15.24 -26.19
N VAL A 152 1.02 15.92 -26.94
CA VAL A 152 1.17 17.38 -26.78
C VAL A 152 -0.16 18.10 -26.98
N ASP A 153 -1.03 17.58 -27.84
CA ASP A 153 -2.36 18.15 -28.03
C ASP A 153 -3.20 18.12 -26.74
N THR A 154 -2.92 17.20 -25.82
CA THR A 154 -3.76 17.09 -24.61
C THR A 154 -3.26 18.01 -23.50
N LEU A 155 -2.12 18.66 -23.75
CA LEU A 155 -1.48 19.54 -22.78
C LEU A 155 -2.06 20.95 -22.73
N LEU A 156 -2.10 21.51 -21.54
CA LEU A 156 -2.53 22.89 -21.31
C LEU A 156 -1.32 23.80 -21.05
N THR A 157 -1.28 24.98 -21.68
CA THR A 157 -0.21 25.93 -21.41
C THR A 157 -0.58 26.91 -20.30
N THR A 158 0.32 27.09 -19.34
CA THR A 158 -0.02 27.89 -18.15
C THR A 158 0.34 29.33 -18.42
N ASN A 159 -0.55 30.24 -18.05
CA ASN A 159 -0.31 31.65 -18.24
C ASN A 159 0.70 32.12 -17.22
N GLN A 160 1.85 32.57 -17.68
CA GLN A 160 2.83 33.11 -16.76
C GLN A 160 3.14 34.56 -17.08
N ASP A 161 2.28 35.20 -17.86
CA ASP A 161 2.45 36.58 -18.24
C ASP A 161 2.65 37.47 -17.02
N ALA A 162 3.73 38.25 -17.05
CA ALA A 162 4.14 39.03 -15.88
C ALA A 162 3.08 40.01 -15.37
N ALA A 163 2.40 40.68 -16.29
CA ALA A 163 1.35 41.62 -15.93
C ALA A 163 0.17 40.87 -15.32
N TYR A 164 -0.37 39.94 -16.10
CA TYR A 164 -1.57 39.22 -15.71
C TYR A 164 -1.45 38.47 -14.39
N CYS A 165 -0.26 37.97 -14.09
CA CYS A 165 -0.08 37.17 -12.88
C CYS A 165 0.21 38.04 -11.68
N SER A 166 0.56 39.30 -11.95
CA SER A 166 0.89 40.26 -10.92
C SER A 166 -0.35 40.77 -10.18
N SER B 1 9.63 -15.42 8.65
CA SER B 1 9.64 -14.12 9.31
C SER B 1 10.83 -14.00 10.27
N PHE B 2 11.94 -13.49 9.77
CA PHE B 2 13.22 -13.44 10.49
C PHE B 2 13.74 -11.98 10.63
N ILE B 3 13.79 -11.43 11.85
CA ILE B 3 14.19 -10.03 12.02
C ILE B 3 15.71 -9.82 11.92
N LYS B 4 16.11 -8.93 11.02
CA LYS B 4 17.51 -8.59 10.81
C LYS B 4 17.58 -7.07 10.72
N PRO B 5 18.78 -6.49 10.96
CA PRO B 5 18.88 -5.03 10.91
C PRO B 5 18.83 -4.47 9.49
N GLY B 6 18.52 -3.19 9.38
CA GLY B 6 18.39 -2.57 8.09
C GLY B 6 17.01 -2.67 7.46
N ARG B 7 16.78 -1.85 6.46
CA ARG B 7 15.55 -1.92 5.68
C ARG B 7 15.66 -3.11 4.75
N CYS B 8 14.53 -3.56 4.21
CA CYS B 8 14.55 -4.68 3.29
C CYS B 8 15.47 -4.46 2.15
N PRO B 9 16.38 -5.41 1.92
CA PRO B 9 17.14 -5.26 0.68
C PRO B 9 16.14 -5.40 -0.46
N LYS B 10 16.54 -4.95 -1.63
CA LYS B 10 15.70 -5.08 -2.78
C LYS B 10 16.50 -5.87 -3.80
N PRO B 11 16.52 -7.20 -3.65
CA PRO B 11 17.35 -7.99 -4.55
C PRO B 11 16.68 -8.12 -5.91
N ALA B 12 17.44 -8.48 -6.93
CA ALA B 12 16.88 -8.68 -8.26
C ALA B 12 16.02 -9.94 -8.33
N VAL B 13 15.00 -9.91 -9.19
CA VAL B 13 14.16 -11.09 -9.38
C VAL B 13 14.49 -11.71 -10.73
N GLN B 14 13.95 -12.91 -10.98
CA GLN B 14 14.21 -13.66 -12.22
C GLN B 14 13.63 -12.91 -13.40
N GLU B 15 14.48 -12.59 -14.36
CA GLU B 15 14.05 -11.83 -15.53
C GLU B 15 13.13 -12.64 -16.41
N ASP B 16 12.09 -11.97 -16.90
CA ASP B 16 11.15 -12.60 -17.80
C ASP B 16 10.57 -13.88 -17.20
N PHE B 17 10.15 -13.77 -15.94
CA PHE B 17 9.59 -14.90 -15.19
C PHE B 17 8.26 -15.41 -15.79
N ASP B 18 8.16 -16.73 -15.93
CA ASP B 18 7.03 -17.39 -16.59
C ASP B 18 6.37 -18.35 -15.57
N ALA B 19 5.23 -17.94 -15.02
CA ALA B 19 4.57 -18.70 -13.97
C ALA B 19 4.14 -20.12 -14.40
N ALA B 20 3.85 -20.30 -15.68
CA ALA B 20 3.38 -21.60 -16.17
C ALA B 20 4.44 -22.67 -16.00
N ARG B 21 5.70 -22.23 -16.10
CA ARG B 21 6.85 -23.10 -15.91
C ARG B 21 7.25 -23.27 -14.45
N TYR B 22 6.67 -22.46 -13.57
CA TYR B 22 6.99 -22.52 -12.14
C TYR B 22 6.02 -23.42 -11.40
N LEU B 23 5.00 -23.88 -12.09
CA LEU B 23 3.96 -24.69 -11.49
C LEU B 23 4.46 -26.08 -11.17
N GLY B 24 3.65 -26.84 -10.45
CA GLY B 24 4.03 -28.17 -10.06
C GLY B 24 4.56 -28.20 -8.65
N VAL B 25 5.39 -29.20 -8.38
CA VAL B 25 5.85 -29.49 -7.04
C VAL B 25 7.29 -29.05 -6.78
N TRP B 26 7.49 -28.33 -5.68
CA TRP B 26 8.80 -27.93 -5.21
C TRP B 26 9.05 -28.47 -3.79
N TYR B 27 10.28 -28.94 -3.54
CA TYR B 27 10.70 -29.38 -2.20
C TYR B 27 11.54 -28.31 -1.50
N ASP B 28 11.24 -28.04 -0.23
CA ASP B 28 12.06 -27.16 0.58
C ASP B 28 13.43 -27.83 0.87
N ILE B 29 14.51 -27.20 0.45
CA ILE B 29 15.86 -27.75 0.64
C ILE B 29 16.59 -27.09 1.83
N GLN B 30 16.66 -25.76 1.81
CA GLN B 30 17.16 -24.95 2.93
C GLN B 30 16.24 -23.74 3.10
N ARG B 31 16.15 -23.20 4.32
CA ARG B 31 15.27 -22.06 4.59
C ARG B 31 15.68 -21.25 5.79
N LEU B 32 15.34 -19.98 5.75
CA LEU B 32 15.53 -19.13 6.90
C LEU B 32 14.58 -19.60 7.97
N PRO B 33 14.97 -19.39 9.23
CA PRO B 33 14.06 -19.67 10.34
C PRO B 33 12.78 -18.84 10.17
N ASN B 34 11.62 -19.47 10.40
CA ASN B 34 10.34 -18.78 10.28
C ASN B 34 9.34 -19.28 11.32
N LYS B 35 8.14 -18.71 11.33
CA LYS B 35 7.14 -19.05 12.32
C LYS B 35 6.06 -20.02 11.79
N PHE B 36 6.18 -20.40 10.52
CA PHE B 36 5.15 -21.25 9.89
C PHE B 36 5.58 -22.69 9.63
N GLN B 37 6.84 -22.92 9.28
CA GLN B 37 7.30 -24.29 9.11
C GLN B 37 7.54 -24.89 10.48
N LYS B 38 6.81 -25.95 10.79
CA LYS B 38 6.78 -26.49 12.13
C LYS B 38 7.38 -27.91 12.21
N GLY B 39 7.77 -28.44 11.04
CA GLY B 39 8.31 -29.78 10.92
C GLY B 39 9.32 -29.89 9.79
N GLU B 40 9.15 -30.92 8.95
CA GLU B 40 10.07 -31.17 7.84
C GLU B 40 9.30 -31.65 6.62
N CYS B 41 10.02 -32.14 5.60
CA CYS B 41 9.40 -32.72 4.41
C CYS B 41 8.50 -31.72 3.67
N ALA B 42 8.78 -30.43 3.83
CA ALA B 42 7.94 -29.36 3.30
C ALA B 42 7.94 -29.38 1.78
N THR B 43 6.75 -29.33 1.18
CA THR B 43 6.64 -29.16 -0.26
C THR B 43 5.64 -28.02 -0.55
N ALA B 44 5.82 -27.36 -1.69
CA ALA B 44 4.82 -26.43 -2.21
C ALA B 44 4.29 -27.00 -3.52
N THR B 45 2.98 -26.98 -3.69
CA THR B 45 2.42 -27.31 -4.99
C THR B 45 1.64 -26.15 -5.59
N TYR B 46 2.08 -25.69 -6.76
CA TYR B 46 1.44 -24.57 -7.46
C TYR B 46 0.66 -25.10 -8.65
N SER B 47 -0.57 -24.63 -8.78
CA SER B 47 -1.47 -25.11 -9.83
C SER B 47 -2.18 -23.94 -10.51
N LEU B 48 -2.77 -24.24 -11.67
CA LEU B 48 -3.48 -23.25 -12.47
C LEU B 48 -4.59 -22.55 -11.72
N SER B 49 -4.73 -21.26 -11.99
CA SER B 49 -5.84 -20.51 -11.47
C SER B 49 -6.74 -20.18 -12.63
N PRO B 50 -8.06 -20.32 -12.44
CA PRO B 50 -9.00 -19.93 -13.51
C PRO B 50 -9.15 -18.42 -13.56
N GLY B 51 -8.61 -17.73 -12.56
CA GLY B 51 -8.52 -16.28 -12.56
C GLY B 51 -7.10 -15.92 -12.95
N VAL B 52 -6.43 -15.09 -12.15
CA VAL B 52 -5.02 -14.78 -12.41
C VAL B 52 -4.08 -15.47 -11.44
N GLY B 53 -2.80 -15.56 -11.84
CA GLY B 53 -1.79 -16.16 -10.98
C GLY B 53 -2.01 -17.66 -10.83
N PHE B 54 -1.72 -18.18 -9.66
CA PHE B 54 -1.88 -19.62 -9.47
C PHE B 54 -2.28 -20.01 -8.06
N SER B 55 -2.78 -21.23 -7.89
CA SER B 55 -3.20 -21.74 -6.57
C SER B 55 -2.02 -22.36 -5.82
N VAL B 56 -2.06 -22.29 -4.49
CA VAL B 56 -0.95 -22.79 -3.65
C VAL B 56 -1.37 -23.84 -2.64
N PHE B 57 -0.60 -24.92 -2.57
CA PHE B 57 -0.78 -25.94 -1.55
C PHE B 57 0.55 -26.34 -0.92
N ASN B 58 0.84 -25.73 0.22
CA ASN B 58 2.06 -26.02 0.99
C ASN B 58 1.74 -27.10 2.01
N ARG B 59 2.70 -27.98 2.25
CA ARG B 59 2.47 -29.17 3.07
C ARG B 59 3.72 -29.66 3.77
N GLU B 60 3.59 -30.01 5.04
CA GLU B 60 4.72 -30.53 5.80
C GLU B 60 4.32 -31.66 6.73
N ARG B 61 5.31 -32.38 7.22
CA ARG B 61 5.13 -33.47 8.18
C ARG B 61 5.61 -33.00 9.54
N LEU B 62 4.77 -33.20 10.55
CA LEU B 62 5.15 -32.93 11.93
C LEU B 62 5.99 -34.07 12.51
N ALA B 63 6.70 -33.80 13.61
CA ALA B 63 7.56 -34.80 14.27
C ALA B 63 6.78 -36.02 14.73
N ASN B 64 5.52 -35.82 15.09
CA ASN B 64 4.63 -36.89 15.51
C ASN B 64 3.89 -37.55 14.35
N GLY B 65 4.31 -37.26 13.12
CA GLY B 65 3.74 -37.89 11.95
C GLY B 65 2.52 -37.24 11.34
N THR B 66 1.93 -36.28 12.04
CA THR B 66 0.76 -35.56 11.55
C THR B 66 1.11 -34.66 10.35
N ILE B 67 0.30 -34.73 9.29
CA ILE B 67 0.53 -33.86 8.15
C ILE B 67 -0.24 -32.56 8.32
N LYS B 68 0.46 -31.45 8.09
CA LYS B 68 -0.15 -30.14 8.17
C LYS B 68 0.02 -29.41 6.84
N SER B 69 -1.03 -28.72 6.39
CA SER B 69 -0.98 -28.05 5.10
C SER B 69 -1.88 -26.81 5.07
N VAL B 70 -1.56 -25.90 4.15
CA VAL B 70 -2.38 -24.71 3.95
C VAL B 70 -2.65 -24.45 2.47
N ILE B 71 -3.78 -23.81 2.17
CA ILE B 71 -4.10 -23.39 0.81
C ILE B 71 -4.03 -21.89 0.75
N GLY B 72 -3.65 -21.38 -0.42
CA GLY B 72 -3.59 -19.95 -0.62
C GLY B 72 -3.63 -19.61 -2.09
N SER B 73 -3.54 -18.33 -2.38
CA SER B 73 -3.53 -17.87 -3.76
C SER B 73 -2.34 -16.96 -3.98
N ALA B 74 -1.65 -17.19 -5.09
CA ALA B 74 -0.54 -16.36 -5.51
C ALA B 74 -0.96 -15.49 -6.70
N ILE B 75 -0.59 -14.22 -6.61
CA ILE B 75 -0.93 -13.22 -7.61
C ILE B 75 0.22 -12.20 -7.78
N ALA B 76 0.63 -11.97 -9.05
CA ALA B 76 1.52 -10.86 -9.40
C ALA B 76 0.70 -9.61 -9.70
N GLU B 77 0.70 -8.69 -8.74
CA GLU B 77 -0.18 -7.54 -8.77
C GLU B 77 0.18 -6.55 -9.89
N ASP B 78 1.47 -6.52 -10.24
CA ASP B 78 1.95 -5.78 -11.38
C ASP B 78 2.38 -6.80 -12.42
N PRO B 79 1.57 -6.95 -13.48
CA PRO B 79 1.85 -7.95 -14.52
C PRO B 79 3.22 -7.73 -15.22
N CYS B 80 3.78 -6.53 -15.11
CA CYS B 80 5.10 -6.25 -15.72
C CYS B 80 6.23 -6.73 -14.84
N GLU B 81 5.89 -7.17 -13.63
CA GLU B 81 6.81 -7.75 -12.69
C GLU B 81 6.24 -9.09 -12.24
N PRO B 82 6.29 -10.09 -13.13
CA PRO B 82 5.59 -11.34 -12.85
C PRO B 82 6.28 -12.15 -11.75
N ALA B 83 7.57 -11.92 -11.51
CA ALA B 83 8.34 -12.65 -10.48
C ALA B 83 8.13 -12.08 -9.08
N LYS B 84 7.50 -10.91 -9.00
CA LYS B 84 7.22 -10.31 -7.71
C LYS B 84 5.79 -10.53 -7.29
N LEU B 85 5.55 -11.65 -6.62
CA LEU B 85 4.20 -12.07 -6.25
C LEU B 85 3.76 -11.56 -4.87
N GLN B 86 2.48 -11.78 -4.59
CA GLN B 86 1.90 -11.62 -3.26
C GLN B 86 1.16 -12.92 -2.96
N PHE B 87 1.42 -13.53 -1.81
CA PHE B 87 0.75 -14.77 -1.43
C PHE B 87 -0.33 -14.48 -0.40
N PHE B 88 -1.53 -14.98 -0.66
CA PHE B 88 -2.63 -14.83 0.26
C PHE B 88 -2.92 -16.21 0.82
N HIS B 89 -2.32 -16.50 1.97
CA HIS B 89 -2.58 -17.77 2.62
C HIS B 89 -3.81 -17.64 3.48
N GLU B 90 -4.59 -18.71 3.59
CA GLU B 90 -5.74 -18.72 4.49
C GLU B 90 -5.27 -18.44 5.93
N ASN B 91 -6.02 -17.60 6.64
CA ASN B 91 -5.71 -17.19 8.02
C ASN B 91 -4.44 -16.36 8.18
N ALA B 92 -3.93 -15.84 7.06
CA ALA B 92 -2.72 -15.04 7.08
C ALA B 92 -2.92 -13.68 6.44
N ALA B 93 -2.19 -12.69 6.93
CA ALA B 93 -2.11 -11.42 6.24
C ALA B 93 -1.29 -11.66 4.99
N PRO B 94 -1.52 -10.87 3.95
CA PRO B 94 -0.79 -11.09 2.69
C PRO B 94 0.71 -10.95 2.89
N VAL B 95 1.51 -11.76 2.19
CA VAL B 95 2.96 -11.62 2.29
C VAL B 95 3.60 -11.55 0.90
N PRO B 96 4.67 -10.78 0.75
CA PRO B 96 5.45 -10.69 -0.50
C PRO B 96 6.17 -12.01 -0.78
N TYR B 97 6.50 -12.27 -2.04
CA TYR B 97 7.17 -13.53 -2.42
C TYR B 97 7.89 -13.36 -3.75
N TRP B 98 9.21 -13.26 -3.71
CA TRP B 98 9.95 -13.08 -4.96
C TRP B 98 10.71 -14.32 -5.42
N VAL B 99 10.55 -14.64 -6.69
CA VAL B 99 11.36 -15.68 -7.29
C VAL B 99 12.60 -14.95 -7.79
N LEU B 100 13.69 -15.05 -7.02
CA LEU B 100 14.90 -14.30 -7.35
C LEU B 100 15.62 -14.93 -8.51
N SER B 101 15.47 -16.23 -8.62
CA SER B 101 16.20 -17.01 -9.59
C SER B 101 15.56 -18.40 -9.71
N THR B 102 15.37 -18.86 -10.94
CA THR B 102 14.88 -20.23 -11.18
C THR B 102 15.21 -20.67 -12.60
N ASP B 103 15.44 -21.97 -12.75
CA ASP B 103 15.70 -22.57 -14.05
C ASP B 103 14.54 -23.47 -14.37
N TYR B 104 13.52 -23.40 -13.50
CA TYR B 104 12.23 -24.10 -13.64
C TYR B 104 12.21 -25.62 -13.45
N ASP B 105 13.16 -26.35 -14.03
CA ASP B 105 13.14 -27.81 -13.93
C ASP B 105 14.07 -28.39 -12.83
N ASN B 106 14.80 -27.52 -12.15
CA ASN B 106 15.69 -27.96 -11.08
C ASN B 106 15.59 -27.17 -9.78
N TYR B 107 15.86 -25.88 -9.83
CA TYR B 107 15.95 -25.12 -8.59
C TYR B 107 15.13 -23.84 -8.65
N ALA B 108 15.01 -23.18 -7.51
CA ALA B 108 14.43 -21.85 -7.40
C ALA B 108 14.87 -21.22 -6.08
N LEU B 109 15.19 -19.93 -6.13
CA LEU B 109 15.48 -19.14 -4.95
C LEU B 109 14.34 -18.16 -4.67
N VAL B 110 13.66 -18.39 -3.56
CA VAL B 110 12.53 -17.60 -3.14
C VAL B 110 12.91 -16.63 -2.04
N TYR B 111 12.48 -15.36 -2.16
CA TYR B 111 12.73 -14.39 -1.11
C TYR B 111 11.45 -13.67 -0.73
N SER B 112 11.40 -13.19 0.49
CA SER B 112 10.24 -12.51 1.00
C SER B 112 10.74 -11.59 2.06
N CYS B 113 10.34 -10.32 2.00
CA CYS B 113 10.79 -9.36 3.01
C CYS B 113 9.75 -8.29 3.34
N ILE B 114 9.65 -7.95 4.63
CA ILE B 114 8.71 -6.94 5.10
C ILE B 114 9.41 -5.95 6.03
N ASN B 115 9.26 -4.65 5.76
CA ASN B 115 9.96 -3.65 6.54
C ASN B 115 9.37 -3.42 7.92
N LEU B 116 10.26 -3.14 8.86
CA LEU B 116 9.88 -2.86 10.23
C LEU B 116 10.76 -1.70 10.69
N GLY B 117 10.50 -0.54 10.09
CA GLY B 117 11.27 0.66 10.39
C GLY B 117 12.68 0.54 9.87
N ALA B 118 13.65 0.57 10.78
CA ALA B 118 15.05 0.35 10.40
C ALA B 118 15.46 -1.12 10.52
N SER B 119 14.49 -1.99 10.75
CA SER B 119 14.75 -3.42 10.80
C SER B 119 13.83 -4.02 9.76
N HIS B 120 13.99 -5.32 9.48
CA HIS B 120 13.07 -5.98 8.54
C HIS B 120 12.92 -7.44 8.90
N ALA B 121 11.81 -8.04 8.49
CA ALA B 121 11.64 -9.48 8.64
C ALA B 121 11.75 -10.13 7.26
N ALA B 122 12.66 -11.09 7.14
CA ALA B 122 12.91 -11.71 5.86
C ALA B 122 12.62 -13.19 5.92
N TYR B 123 12.31 -13.77 4.78
CA TYR B 123 12.20 -15.22 4.64
C TYR B 123 12.87 -15.55 3.31
N ALA B 124 13.71 -16.58 3.29
CA ALA B 124 14.32 -17.01 2.05
C ALA B 124 14.33 -18.51 2.01
N SER B 125 14.31 -19.09 0.82
CA SER B 125 14.19 -20.52 0.71
C SER B 125 14.79 -21.06 -0.58
N ILE B 126 15.54 -22.16 -0.49
CA ILE B 126 15.98 -22.84 -1.67
C ILE B 126 15.13 -24.08 -1.88
N VAL B 127 14.47 -24.15 -3.03
CA VAL B 127 13.63 -25.28 -3.32
C VAL B 127 14.19 -26.04 -4.52
N SER B 128 13.68 -27.24 -4.76
CA SER B 128 14.21 -28.09 -5.80
C SER B 128 13.08 -28.92 -6.35
N ARG B 129 13.24 -29.40 -7.58
CA ARG B 129 12.20 -30.24 -8.15
C ARG B 129 12.30 -31.64 -7.60
N GLN B 130 13.43 -31.92 -6.94
CA GLN B 130 13.73 -33.22 -6.36
C GLN B 130 13.88 -33.00 -4.86
N PRO B 131 13.81 -34.08 -4.05
CA PRO B 131 13.96 -33.92 -2.59
C PRO B 131 15.36 -33.43 -2.21
N THR B 132 16.30 -33.57 -3.14
CA THR B 132 17.64 -33.02 -2.97
C THR B 132 17.99 -32.07 -4.12
N LEU B 133 19.01 -31.25 -3.90
CA LEU B 133 19.54 -30.39 -4.94
C LEU B 133 21.05 -30.48 -4.83
N PRO B 134 21.75 -30.53 -5.96
CA PRO B 134 23.21 -30.68 -5.89
C PRO B 134 23.83 -29.58 -5.06
N GLU B 135 24.90 -29.93 -4.35
CA GLU B 135 25.58 -29.03 -3.44
C GLU B 135 26.11 -27.78 -4.12
N GLU B 136 26.62 -27.95 -5.34
CA GLU B 136 27.17 -26.81 -6.08
C GLU B 136 26.08 -25.80 -6.38
N THR B 137 24.92 -26.31 -6.79
CA THR B 137 23.75 -25.46 -6.98
C THR B 137 23.37 -24.75 -5.68
N ILE B 138 23.31 -25.51 -4.59
CA ILE B 138 23.00 -24.94 -3.28
C ILE B 138 24.00 -23.83 -2.92
N LYS B 139 25.27 -24.09 -3.17
CA LYS B 139 26.33 -23.14 -2.87
C LYS B 139 26.16 -21.84 -3.65
N LYS B 140 25.79 -21.95 -4.93
CA LYS B 140 25.59 -20.79 -5.79
C LYS B 140 24.47 -19.89 -5.29
N LEU B 141 23.34 -20.50 -4.97
CA LEU B 141 22.22 -19.75 -4.45
C LEU B 141 22.52 -19.14 -3.08
N GLN B 142 23.31 -19.83 -2.28
CA GLN B 142 23.75 -19.29 -1.01
C GLN B 142 24.56 -18.02 -1.27
N GLY B 143 25.34 -18.02 -2.35
CA GLY B 143 26.14 -16.88 -2.71
C GLY B 143 25.23 -15.69 -2.94
N THR B 144 24.13 -15.94 -3.64
CA THR B 144 23.19 -14.88 -3.96
C THR B 144 22.62 -14.29 -2.66
N MET B 145 22.19 -15.17 -1.74
CA MET B 145 21.62 -14.76 -0.46
C MET B 145 22.56 -13.87 0.34
N SER B 146 23.85 -14.19 0.29
CA SER B 146 24.83 -13.40 1.03
C SER B 146 24.96 -12.04 0.39
N SER B 147 24.88 -12.00 -0.94
CA SER B 147 25.12 -10.77 -1.67
C SER B 147 24.10 -9.70 -1.32
N PHE B 148 22.94 -10.11 -0.80
CA PHE B 148 21.98 -9.14 -0.26
C PHE B 148 21.79 -9.26 1.27
N GLY B 149 22.82 -9.76 1.95
CA GLY B 149 22.92 -9.63 3.39
C GLY B 149 22.23 -10.66 4.27
N VAL B 150 21.96 -11.82 3.73
CA VAL B 150 21.46 -12.96 4.51
C VAL B 150 22.63 -13.80 4.99
N GLY B 151 22.63 -14.24 6.23
CA GLY B 151 23.73 -15.09 6.64
C GLY B 151 23.47 -16.52 6.25
N VAL B 152 24.40 -17.12 5.53
CA VAL B 152 24.26 -18.53 5.15
C VAL B 152 24.27 -19.48 6.35
N ASP B 153 25.04 -19.12 7.37
CA ASP B 153 25.14 -19.91 8.60
C ASP B 153 23.82 -20.07 9.36
N THR B 154 22.90 -19.13 9.18
CA THR B 154 21.65 -19.15 9.93
C THR B 154 20.59 -19.96 9.19
N LEU B 155 20.98 -20.52 8.04
CA LEU B 155 20.01 -21.25 7.24
C LEU B 155 19.75 -22.61 7.86
N LEU B 156 18.50 -23.07 7.77
CA LEU B 156 18.14 -24.40 8.25
C LEU B 156 18.02 -25.39 7.11
N THR B 157 18.61 -26.57 7.25
CA THR B 157 18.46 -27.59 6.23
C THR B 157 17.24 -28.44 6.54
N THR B 158 16.43 -28.66 5.50
CA THR B 158 15.14 -29.34 5.63
C THR B 158 15.26 -30.84 5.38
N ASN B 159 14.59 -31.63 6.21
CA ASN B 159 14.59 -33.08 6.08
C ASN B 159 13.72 -33.55 4.90
N GLN B 160 14.33 -34.16 3.90
CA GLN B 160 13.60 -34.73 2.79
C GLN B 160 13.87 -36.23 2.60
N ASP B 161 14.37 -36.87 3.66
CA ASP B 161 14.64 -38.30 3.65
C ASP B 161 13.41 -39.14 3.25
N ALA B 162 13.58 -39.99 2.23
CA ALA B 162 12.47 -40.81 1.72
C ALA B 162 11.90 -41.67 2.84
N ALA B 163 12.78 -42.15 3.70
CA ALA B 163 12.34 -42.97 4.81
C ALA B 163 11.48 -42.13 5.75
N TYR B 164 12.02 -41.04 6.26
CA TYR B 164 11.30 -40.21 7.22
C TYR B 164 10.05 -39.56 6.65
N CYS B 165 10.11 -39.18 5.38
CA CYS B 165 9.04 -38.42 4.75
C CYS B 165 7.93 -39.26 4.13
N SER B 166 8.12 -40.56 3.99
CA SER B 166 7.11 -41.42 3.38
C SER B 166 5.90 -41.58 4.28
N SER C 1 8.33 -3.69 16.54
CA SER C 1 9.37 -4.65 16.19
C SER C 1 9.44 -5.82 17.19
N PHE C 2 8.29 -6.17 17.77
CA PHE C 2 8.20 -7.29 18.72
C PHE C 2 7.20 -8.32 18.21
N ILE C 3 7.67 -9.51 17.85
CA ILE C 3 6.83 -10.53 17.19
C ILE C 3 5.89 -11.31 18.11
N LYS C 4 4.61 -11.32 17.74
CA LYS C 4 3.57 -12.08 18.43
C LYS C 4 2.77 -12.82 17.37
N PRO C 5 2.05 -13.89 17.77
CA PRO C 5 1.21 -14.65 16.83
C PRO C 5 -0.12 -13.95 16.60
N GLY C 6 -0.83 -14.31 15.53
CA GLY C 6 -2.08 -13.67 15.17
C GLY C 6 -1.84 -12.47 14.30
N ARG C 7 -2.88 -11.99 13.62
CA ARG C 7 -2.78 -10.75 12.84
C ARG C 7 -2.84 -9.52 13.76
N CYS C 8 -2.39 -8.38 13.25
CA CYS C 8 -2.45 -7.13 14.04
C CYS C 8 -3.86 -6.83 14.49
N PRO C 9 -4.04 -6.58 15.80
CA PRO C 9 -5.35 -6.10 16.25
C PRO C 9 -5.67 -4.73 15.66
N LYS C 10 -6.92 -4.30 15.75
CA LYS C 10 -7.33 -2.98 15.30
C LYS C 10 -7.99 -2.25 16.44
N PRO C 11 -7.19 -1.70 17.36
CA PRO C 11 -7.75 -1.03 18.55
C PRO C 11 -8.29 0.36 18.24
N ALA C 12 -9.14 0.88 19.12
CA ALA C 12 -9.66 2.23 18.98
C ALA C 12 -8.54 3.22 19.21
N VAL C 13 -8.57 4.34 18.50
CA VAL C 13 -7.56 5.37 18.67
C VAL C 13 -8.21 6.52 19.41
N GLN C 14 -7.42 7.50 19.81
CA GLN C 14 -7.97 8.65 20.51
C GLN C 14 -8.97 9.40 19.62
N GLU C 15 -10.21 9.54 20.08
CA GLU C 15 -11.21 10.23 19.27
C GLU C 15 -10.95 11.75 19.27
N ASP C 16 -11.15 12.37 18.10
CA ASP C 16 -10.94 13.81 17.93
C ASP C 16 -9.53 14.24 18.35
N PHE C 17 -8.56 13.48 17.87
CA PHE C 17 -7.14 13.72 18.12
C PHE C 17 -6.66 15.01 17.50
N ASP C 18 -5.92 15.77 18.28
CA ASP C 18 -5.48 17.09 17.91
C ASP C 18 -3.96 17.09 17.94
N ALA C 19 -3.31 17.00 16.77
CA ALA C 19 -1.86 16.89 16.76
C ALA C 19 -1.19 18.11 17.38
N ALA C 20 -1.90 19.25 17.32
CA ALA C 20 -1.35 20.51 17.84
C ALA C 20 -1.16 20.48 19.35
N ARG C 21 -2.04 19.78 20.07
CA ARG C 21 -1.92 19.64 21.54
C ARG C 21 -0.95 18.53 21.94
N TYR C 22 -0.51 17.75 20.95
CA TYR C 22 0.35 16.61 21.17
C TYR C 22 1.82 16.99 21.03
N LEU C 23 2.06 18.22 20.63
CA LEU C 23 3.43 18.64 20.37
C LEU C 23 4.21 18.83 21.69
N GLY C 24 5.52 18.96 21.57
CA GLY C 24 6.39 19.15 22.71
C GLY C 24 7.02 17.84 23.15
N VAL C 25 7.44 17.78 24.41
CA VAL C 25 8.24 16.66 24.91
C VAL C 25 7.46 15.66 25.74
N TRP C 26 7.61 14.39 25.35
CA TRP C 26 7.05 13.22 26.02
C TRP C 26 8.18 12.33 26.49
N TYR C 27 8.07 11.78 27.71
CA TYR C 27 9.06 10.81 28.20
C TYR C 27 8.58 9.36 28.08
N ASP C 28 9.46 8.47 27.62
CA ASP C 28 9.17 7.04 27.64
C ASP C 28 9.09 6.56 29.09
N ILE C 29 7.94 5.99 29.46
CA ILE C 29 7.74 5.42 30.78
C ILE C 29 7.85 3.88 30.74
N GLN C 30 7.06 3.26 29.87
CA GLN C 30 7.13 1.84 29.60
C GLN C 30 6.95 1.60 28.12
N ARG C 31 7.47 0.47 27.64
CA ARG C 31 7.39 0.14 26.23
C ARG C 31 7.57 -1.37 25.96
N LEU C 32 7.02 -1.85 24.85
CA LEU C 32 7.28 -3.19 24.39
C LEU C 32 8.73 -3.27 23.97
N PRO C 33 9.34 -4.45 24.08
CA PRO C 33 10.71 -4.64 23.55
C PRO C 33 10.76 -4.29 22.06
N ASN C 34 11.79 -3.58 21.66
CA ASN C 34 11.94 -3.21 20.27
C ASN C 34 13.40 -3.19 19.86
N LYS C 35 13.63 -2.86 18.59
CA LYS C 35 14.97 -2.92 18.04
C LYS C 35 15.70 -1.59 17.94
N PHE C 36 15.01 -0.51 18.28
CA PHE C 36 15.56 0.84 18.07
C PHE C 36 16.05 1.56 19.32
N GLN C 37 15.40 1.33 20.46
CA GLN C 37 15.87 1.89 21.74
C GLN C 37 17.04 1.06 22.31
N LYS C 38 18.19 1.70 22.46
CA LYS C 38 19.44 0.98 22.80
C LYS C 38 19.95 1.38 24.18
N GLY C 39 19.24 2.29 24.83
CA GLY C 39 19.66 2.81 26.11
C GLY C 39 18.48 3.17 26.97
N GLU C 40 18.54 4.37 27.54
CA GLU C 40 17.51 4.81 28.48
C GLU C 40 17.23 6.30 28.31
N CYS C 41 16.45 6.87 29.22
CA CYS C 41 16.21 8.31 29.28
C CYS C 41 15.54 8.84 28.04
N ALA C 42 14.87 7.95 27.33
CA ALA C 42 14.34 8.26 26.01
C ALA C 42 13.27 9.31 26.07
N THR C 43 13.38 10.30 25.20
CA THR C 43 12.33 11.29 25.00
C THR C 43 12.03 11.42 23.52
N ALA C 44 10.77 11.77 23.22
CA ALA C 44 10.34 12.14 21.88
C ALA C 44 9.92 13.60 21.90
N THR C 45 10.43 14.40 20.97
CA THR C 45 10.00 15.78 20.87
C THR C 45 9.30 16.08 19.55
N TYR C 46 8.05 16.52 19.63
CA TYR C 46 7.25 16.77 18.44
C TYR C 46 7.07 18.26 18.21
N SER C 47 7.30 18.68 16.96
CA SER C 47 7.30 20.09 16.61
C SER C 47 6.56 20.40 15.32
N LEU C 48 6.30 21.68 15.10
CA LEU C 48 5.58 22.13 13.90
C LEU C 48 6.28 21.69 12.63
N SER C 49 5.49 21.33 11.62
CA SER C 49 6.04 21.06 10.31
C SER C 49 5.63 22.22 9.43
N PRO C 50 6.56 22.72 8.60
CA PRO C 50 6.13 23.76 7.67
C PRO C 50 5.30 23.18 6.52
N GLY C 51 5.23 21.85 6.40
CA GLY C 51 4.32 21.21 5.48
C GLY C 51 3.13 20.65 6.24
N VAL C 52 2.80 19.38 6.05
CA VAL C 52 1.72 18.80 6.84
C VAL C 52 2.27 17.94 7.99
N GLY C 53 1.39 17.67 8.96
CA GLY C 53 1.75 16.86 10.10
C GLY C 53 2.70 17.56 11.03
N PHE C 54 3.60 16.82 11.65
CA PHE C 54 4.53 17.44 12.58
C PHE C 54 5.86 16.78 12.53
N SER C 55 6.85 17.49 13.05
CA SER C 55 8.23 17.08 12.98
C SER C 55 8.60 16.20 14.18
N VAL C 56 9.52 15.27 13.97
CA VAL C 56 9.90 14.29 15.00
C VAL C 56 11.41 14.32 15.31
N PHE C 57 11.74 14.37 16.61
CA PHE C 57 13.11 14.24 17.11
C PHE C 57 13.17 13.34 18.36
N ASN C 58 13.59 12.10 18.16
CA ASN C 58 13.73 11.14 19.24
C ASN C 58 15.17 11.06 19.74
N ARG C 59 15.36 10.89 21.05
CA ARG C 59 16.71 10.82 21.64
C ARG C 59 16.72 10.01 22.94
N GLU C 60 17.77 9.22 23.13
CA GLU C 60 17.96 8.40 24.32
C GLU C 60 19.40 8.46 24.76
N ARG C 61 19.65 8.00 25.98
CA ARG C 61 21.01 7.94 26.51
C ARG C 61 21.50 6.51 26.43
N LEU C 62 22.67 6.32 25.83
CA LEU C 62 23.27 5.01 25.81
C LEU C 62 23.91 4.68 27.17
N ALA C 63 24.14 3.41 27.42
CA ALA C 63 24.73 2.98 28.68
C ALA C 63 26.12 3.59 28.94
N ASN C 64 26.87 3.88 27.87
CA ASN C 64 28.19 4.48 28.02
C ASN C 64 28.14 6.01 28.07
N GLY C 65 26.93 6.54 28.21
CA GLY C 65 26.73 7.98 28.38
C GLY C 65 26.60 8.75 27.09
N THR C 66 26.98 8.14 25.98
CA THR C 66 26.85 8.79 24.67
C THR C 66 25.37 8.95 24.34
N ILE C 67 24.99 10.13 23.86
CA ILE C 67 23.61 10.43 23.48
C ILE C 67 23.31 10.18 21.98
N LYS C 68 22.22 9.47 21.71
CA LYS C 68 21.82 9.19 20.34
C LYS C 68 20.40 9.66 20.06
N SER C 69 20.18 10.17 18.85
CA SER C 69 18.91 10.73 18.50
C SER C 69 18.61 10.52 17.04
N VAL C 70 17.33 10.53 16.68
CA VAL C 70 16.96 10.48 15.28
C VAL C 70 15.94 11.58 14.99
N ILE C 71 15.90 12.03 13.74
CA ILE C 71 14.84 12.91 13.29
C ILE C 71 13.97 12.19 12.28
N GLY C 72 12.69 12.60 12.24
CA GLY C 72 11.72 12.10 11.29
C GLY C 72 10.54 13.06 11.08
N SER C 73 9.58 12.62 10.27
CA SER C 73 8.37 13.39 10.00
C SER C 73 7.14 12.53 10.25
N ALA C 74 6.14 13.09 10.94
CA ALA C 74 4.88 12.41 11.15
C ALA C 74 3.75 13.01 10.29
N ILE C 75 2.94 12.14 9.70
CA ILE C 75 1.86 12.54 8.80
C ILE C 75 0.61 11.66 8.96
N ALA C 76 -0.56 12.25 9.13
CA ALA C 76 -1.79 11.46 9.08
C ALA C 76 -2.24 11.36 7.62
N GLU C 77 -2.01 10.19 7.00
CA GLU C 77 -2.22 10.04 5.57
C GLU C 77 -3.69 10.13 5.26
N ASP C 78 -4.51 9.77 6.23
CA ASP C 78 -5.93 10.01 6.11
C ASP C 78 -6.29 11.06 7.13
N PRO C 79 -6.57 12.27 6.63
CA PRO C 79 -6.91 13.46 7.43
C PRO C 79 -8.16 13.27 8.29
N CYS C 80 -9.02 12.31 7.93
CA CYS C 80 -10.22 12.01 8.73
C CYS C 80 -9.87 11.09 9.89
N GLU C 81 -8.65 10.57 9.89
CA GLU C 81 -8.13 9.75 10.99
C GLU C 81 -6.81 10.32 11.47
N PRO C 82 -6.86 11.45 12.20
CA PRO C 82 -5.61 12.12 12.59
C PRO C 82 -4.79 11.34 13.63
N ALA C 83 -5.42 10.44 14.38
CA ALA C 83 -4.70 9.64 15.38
C ALA C 83 -3.96 8.45 14.75
N LYS C 84 -4.23 8.19 13.48
CA LYS C 84 -3.58 7.11 12.75
C LYS C 84 -2.47 7.62 11.85
N LEU C 85 -1.29 7.77 12.45
CA LEU C 85 -0.15 8.41 11.78
C LEU C 85 0.76 7.45 11.05
N GLN C 86 1.66 8.03 10.25
CA GLN C 86 2.81 7.31 9.70
C GLN C 86 4.07 8.13 10.03
N PHE C 87 5.07 7.46 10.57
CA PHE C 87 6.32 8.11 10.91
C PHE C 87 7.39 7.75 9.89
N PHE C 88 8.05 8.76 9.36
CA PHE C 88 9.11 8.56 8.41
C PHE C 88 10.36 9.01 9.13
N HIS C 89 11.03 8.04 9.75
CA HIS C 89 12.28 8.32 10.41
C HIS C 89 13.35 8.27 9.34
N GLU C 90 14.41 9.06 9.50
CA GLU C 90 15.50 9.08 8.54
C GLU C 90 16.10 7.69 8.29
N ASN C 91 16.24 7.33 7.01
CA ASN C 91 16.86 6.06 6.64
C ASN C 91 16.13 4.82 7.13
N ALA C 92 14.85 4.99 7.47
CA ALA C 92 14.03 3.86 7.87
C ALA C 92 12.78 3.83 6.99
N ALA C 93 12.24 2.65 6.78
CA ALA C 93 10.97 2.49 6.09
C ALA C 93 9.85 3.07 6.94
N PRO C 94 8.76 3.51 6.29
CA PRO C 94 7.66 4.08 7.05
C PRO C 94 7.06 3.09 8.05
N VAL C 95 6.68 3.60 9.23
CA VAL C 95 6.04 2.79 10.27
C VAL C 95 4.73 3.43 10.76
N PRO C 96 3.74 2.57 11.11
CA PRO C 96 2.49 3.06 11.71
C PRO C 96 2.74 3.61 13.12
N TYR C 97 1.88 4.53 13.57
CA TYR C 97 2.01 5.11 14.90
C TYR C 97 0.62 5.65 15.26
N TRP C 98 -0.09 4.91 16.09
CA TRP C 98 -1.44 5.31 16.47
C TRP C 98 -1.41 5.83 17.87
N VAL C 99 -2.09 6.94 18.10
CA VAL C 99 -2.32 7.46 19.45
C VAL C 99 -3.63 6.87 19.96
N LEU C 100 -3.57 5.84 20.80
CA LEU C 100 -4.80 5.18 21.26
C LEU C 100 -5.54 6.00 22.30
N SER C 101 -4.78 6.76 23.09
CA SER C 101 -5.34 7.53 24.19
C SER C 101 -4.36 8.60 24.67
N THR C 102 -4.86 9.81 24.90
CA THR C 102 -4.03 10.89 25.48
C THR C 102 -4.93 11.96 26.08
N ASP C 103 -4.46 12.62 27.13
CA ASP C 103 -5.18 13.75 27.72
C ASP C 103 -4.38 15.00 27.42
N TYR C 104 -3.36 14.80 26.58
CA TYR C 104 -2.49 15.85 26.08
C TYR C 104 -1.55 16.45 27.15
N ASP C 105 -2.04 16.63 28.37
CA ASP C 105 -1.23 17.30 29.40
C ASP C 105 -0.40 16.37 30.25
N ASN C 106 -0.65 15.08 30.15
CA ASN C 106 -0.02 14.12 31.05
C ASN C 106 0.48 12.84 30.42
N TYR C 107 -0.43 12.11 29.79
CA TYR C 107 -0.11 10.79 29.29
C TYR C 107 -0.50 10.60 27.84
N ALA C 108 -0.07 9.46 27.29
CA ALA C 108 -0.45 9.02 25.96
C ALA C 108 -0.15 7.53 25.77
N LEU C 109 -1.05 6.80 25.13
CA LEU C 109 -0.77 5.41 24.78
C LEU C 109 -0.59 5.31 23.26
N VAL C 110 0.64 4.99 22.87
CA VAL C 110 1.00 4.86 21.47
C VAL C 110 1.11 3.40 21.05
N TYR C 111 0.50 3.06 19.93
CA TYR C 111 0.54 1.71 19.41
C TYR C 111 0.94 1.74 17.93
N SER C 112 1.54 0.64 17.49
CA SER C 112 2.04 0.48 16.14
C SER C 112 2.09 -1.00 15.81
N CYS C 113 1.54 -1.40 14.66
CA CYS C 113 1.58 -2.81 14.31
C CYS C 113 1.67 -3.07 12.80
N ILE C 114 2.54 -4.02 12.44
CA ILE C 114 2.84 -4.38 11.06
C ILE C 114 2.67 -5.88 10.90
N ASN C 115 1.88 -6.31 9.93
CA ASN C 115 1.59 -7.72 9.75
C ASN C 115 2.71 -8.56 9.12
N LEU C 116 2.78 -9.82 9.56
CA LEU C 116 3.80 -10.74 9.09
C LEU C 116 3.18 -12.13 8.92
N GLY C 117 2.30 -12.27 7.93
CA GLY C 117 1.63 -13.52 7.65
C GLY C 117 0.60 -13.87 8.71
N ALA C 118 0.77 -14.98 9.41
CA ALA C 118 -0.16 -15.29 10.49
C ALA C 118 0.35 -14.73 11.83
N SER C 119 1.47 -14.01 11.75
CA SER C 119 2.04 -13.34 12.91
C SER C 119 2.09 -11.85 12.65
N HIS C 120 2.52 -11.11 13.67
CA HIS C 120 2.72 -9.69 13.54
C HIS C 120 3.80 -9.15 14.46
N ALA C 121 4.35 -7.99 14.10
CA ALA C 121 5.27 -7.26 14.94
C ALA C 121 4.60 -6.01 15.50
N ALA C 122 4.66 -5.82 16.82
CA ALA C 122 4.04 -4.68 17.47
C ALA C 122 5.02 -3.83 18.27
N TYR C 123 4.63 -2.59 18.48
CA TYR C 123 5.29 -1.69 19.38
C TYR C 123 4.21 -0.93 20.10
N ALA C 124 4.35 -0.81 21.43
CA ALA C 124 3.47 0.03 22.20
C ALA C 124 4.29 0.72 23.28
N SER C 125 3.82 1.87 23.73
CA SER C 125 4.54 2.62 24.72
C SER C 125 3.59 3.53 25.49
N ILE C 126 3.85 3.67 26.79
CA ILE C 126 3.19 4.66 27.61
C ILE C 126 4.13 5.83 27.79
N VAL C 127 3.73 7.02 27.32
CA VAL C 127 4.58 8.19 27.51
C VAL C 127 3.91 9.20 28.44
N SER C 128 4.70 10.16 28.89
CA SER C 128 4.28 11.10 29.92
C SER C 128 4.95 12.43 29.65
N ARG C 129 4.36 13.51 30.13
CA ARG C 129 4.96 14.82 29.91
C ARG C 129 6.06 15.05 30.92
N GLN C 130 6.13 14.16 31.90
CA GLN C 130 7.15 14.21 32.93
C GLN C 130 7.93 12.93 32.88
N PRO C 131 9.12 12.91 33.50
CA PRO C 131 9.92 11.68 33.53
C PRO C 131 9.19 10.53 34.26
N THR C 132 8.18 10.84 35.07
CA THR C 132 7.40 9.81 35.72
C THR C 132 5.91 9.98 35.41
N LEU C 133 5.16 8.91 35.62
CA LEU C 133 3.71 8.97 35.51
C LEU C 133 3.13 8.21 36.69
N PRO C 134 2.03 8.71 37.28
CA PRO C 134 1.41 8.03 38.41
C PRO C 134 1.02 6.57 38.12
N GLU C 135 1.10 5.72 39.14
CA GLU C 135 0.81 4.29 39.01
C GLU C 135 -0.61 3.98 38.53
N GLU C 136 -1.59 4.76 38.99
CA GLU C 136 -2.97 4.52 38.55
C GLU C 136 -3.14 4.76 37.03
N THR C 137 -2.57 5.84 36.52
CA THR C 137 -2.60 6.11 35.08
C THR C 137 -1.90 5.00 34.30
N ILE C 138 -0.71 4.63 34.72
CA ILE C 138 0.01 3.53 34.10
C ILE C 138 -0.84 2.26 34.09
N LYS C 139 -1.47 1.97 35.22
CA LYS C 139 -2.27 0.77 35.34
C LYS C 139 -3.41 0.81 34.36
N LYS C 140 -4.01 2.00 34.22
CA LYS C 140 -5.14 2.21 33.31
C LYS C 140 -4.75 1.89 31.86
N LEU C 141 -3.63 2.44 31.43
CA LEU C 141 -3.14 2.24 30.08
C LEU C 141 -2.68 0.80 29.84
N GLN C 142 -2.13 0.17 30.88
CA GLN C 142 -1.79 -1.25 30.81
C GLN C 142 -3.07 -2.08 30.60
N GLY C 143 -4.17 -1.60 31.19
CA GLY C 143 -5.47 -2.25 31.04
C GLY C 143 -5.93 -2.29 29.59
N THR C 144 -5.73 -1.17 28.90
CA THR C 144 -6.12 -1.06 27.51
C THR C 144 -5.30 -2.01 26.65
N MET C 145 -3.99 -2.01 26.86
CA MET C 145 -3.07 -2.89 26.12
C MET C 145 -3.45 -4.36 26.24
N SER C 146 -3.91 -4.76 27.44
CA SER C 146 -4.27 -6.14 27.71
C SER C 146 -5.42 -6.60 26.86
N SER C 147 -6.35 -5.68 26.59
CA SER C 147 -7.56 -6.01 25.83
C SER C 147 -7.27 -6.40 24.38
N PHE C 148 -6.13 -5.95 23.84
CA PHE C 148 -5.70 -6.38 22.51
C PHE C 148 -4.38 -7.16 22.49
N GLY C 149 -4.07 -7.85 23.58
CA GLY C 149 -3.06 -8.89 23.52
C GLY C 149 -1.60 -8.53 23.68
N VAL C 150 -1.31 -7.39 24.31
CA VAL C 150 0.06 -7.16 24.72
C VAL C 150 0.17 -7.57 26.18
N GLY C 151 1.22 -8.30 26.51
CA GLY C 151 1.41 -8.72 27.89
C GLY C 151 2.13 -7.70 28.73
N VAL C 152 1.52 -7.38 29.87
CA VAL C 152 2.09 -6.45 30.83
C VAL C 152 3.43 -6.99 31.33
N ASP C 153 3.53 -8.31 31.42
CA ASP C 153 4.79 -8.96 31.77
C ASP C 153 5.89 -8.70 30.74
N THR C 154 5.52 -8.43 29.50
CA THR C 154 6.50 -8.24 28.43
C THR C 154 7.01 -6.79 28.34
N LEU C 155 6.39 -5.90 29.10
CA LEU C 155 6.71 -4.49 29.05
C LEU C 155 8.03 -4.22 29.76
N LEU C 156 8.80 -3.28 29.23
CA LEU C 156 10.05 -2.84 29.83
C LEU C 156 9.85 -1.47 30.46
N THR C 157 10.34 -1.26 31.67
CA THR C 157 10.30 0.06 32.29
C THR C 157 11.54 0.86 31.93
N THR C 158 11.35 2.09 31.50
CA THR C 158 12.44 2.92 31.01
C THR C 158 13.06 3.71 32.14
N ASN C 159 14.40 3.73 32.17
CA ASN C 159 15.11 4.46 33.21
C ASN C 159 15.00 5.95 32.92
N GLN C 160 14.31 6.68 33.78
CA GLN C 160 14.20 8.13 33.65
C GLN C 160 14.71 8.85 34.87
N ASP C 161 15.52 8.15 35.65
CA ASP C 161 16.10 8.72 36.85
C ASP C 161 16.84 10.04 36.58
N ALA C 162 16.49 11.07 37.37
CA ALA C 162 17.00 12.42 37.14
C ALA C 162 18.52 12.50 37.12
N ALA C 163 19.16 11.81 38.06
CA ALA C 163 20.60 11.81 38.13
C ALA C 163 21.21 11.08 36.94
N TYR C 164 20.77 9.84 36.74
CA TYR C 164 21.34 8.99 35.69
C TYR C 164 21.20 9.62 34.31
N CYS C 165 20.13 10.39 34.12
CA CYS C 165 19.85 11.02 32.84
C CYS C 165 20.50 12.40 32.70
N SER C 166 21.01 12.92 33.81
CA SER C 166 21.66 14.23 33.82
C SER C 166 23.03 14.16 33.16
N SER D 1 -12.03 4.97 -12.26
CA SER D 1 -13.00 4.96 -13.34
C SER D 1 -13.88 6.23 -13.42
N PHE D 2 -14.54 6.65 -12.33
CA PHE D 2 -15.37 7.88 -12.42
C PHE D 2 -14.99 8.96 -11.41
N ILE D 3 -14.40 10.05 -11.87
CA ILE D 3 -13.87 11.05 -10.94
C ILE D 3 -14.89 11.99 -10.32
N LYS D 4 -14.88 12.05 -8.99
CA LYS D 4 -15.74 12.94 -8.23
C LYS D 4 -14.84 13.67 -7.23
N PRO D 5 -15.26 14.85 -6.78
CA PRO D 5 -14.43 15.60 -5.83
C PRO D 5 -14.58 15.06 -4.43
N GLY D 6 -13.62 15.39 -3.58
CA GLY D 6 -13.55 14.86 -2.24
C GLY D 6 -12.74 13.57 -2.23
N ARG D 7 -12.30 13.19 -1.03
CA ARG D 7 -11.62 11.93 -0.88
C ARG D 7 -12.67 10.82 -0.90
N CYS D 8 -12.24 9.58 -1.12
CA CYS D 8 -13.16 8.44 -1.16
C CYS D 8 -14.00 8.38 0.11
N PRO D 9 -15.32 8.30 -0.03
CA PRO D 9 -16.11 8.03 1.18
C PRO D 9 -15.82 6.63 1.73
N LYS D 10 -16.28 6.35 2.95
CA LYS D 10 -16.14 5.00 3.51
C LYS D 10 -17.48 4.47 4.01
N PRO D 11 -18.32 3.95 3.10
CA PRO D 11 -19.66 3.46 3.45
C PRO D 11 -19.64 2.10 4.15
N ALA D 12 -20.76 1.77 4.80
CA ALA D 12 -20.92 0.48 5.44
C ALA D 12 -20.94 -0.65 4.41
N VAL D 13 -20.39 -1.79 4.78
CA VAL D 13 -20.40 -2.97 3.91
C VAL D 13 -21.37 -3.99 4.49
N GLN D 14 -21.65 -5.03 3.71
CA GLN D 14 -22.57 -6.06 4.16
C GLN D 14 -22.03 -6.73 5.39
N GLU D 15 -22.77 -6.66 6.48
CA GLU D 15 -22.29 -7.27 7.69
C GLU D 15 -22.40 -8.79 7.63
N ASP D 16 -21.37 -9.43 8.16
CA ASP D 16 -21.25 -10.89 8.20
C ASP D 16 -21.40 -11.51 6.82
N PHE D 17 -20.73 -10.88 5.85
CA PHE D 17 -20.75 -11.29 4.45
C PHE D 17 -20.18 -12.68 4.21
N ASP D 18 -20.93 -13.48 3.46
CA ASP D 18 -20.66 -14.91 3.22
C ASP D 18 -20.46 -15.17 1.74
N ALA D 19 -19.20 -15.32 1.34
CA ALA D 19 -18.83 -15.47 -0.06
C ALA D 19 -19.38 -16.70 -0.79
N ALA D 20 -19.60 -17.79 -0.06
CA ALA D 20 -20.08 -19.02 -0.68
C ALA D 20 -21.49 -18.83 -1.21
N ARG D 21 -22.23 -17.96 -0.53
CA ARG D 21 -23.59 -17.62 -0.94
C ARG D 21 -23.61 -16.52 -2.00
N TYR D 22 -22.47 -15.88 -2.23
CA TYR D 22 -22.36 -14.82 -3.21
C TYR D 22 -21.91 -15.34 -4.56
N LEU D 23 -21.52 -16.60 -4.63
CA LEU D 23 -21.00 -17.18 -5.87
C LEU D 23 -22.13 -17.32 -6.89
N GLY D 24 -21.77 -17.63 -8.13
CA GLY D 24 -22.74 -17.73 -9.20
C GLY D 24 -22.83 -16.51 -10.12
N VAL D 25 -23.98 -16.33 -10.74
CA VAL D 25 -24.16 -15.34 -11.80
C VAL D 25 -24.94 -14.11 -11.32
N TRP D 26 -24.36 -12.93 -11.50
CA TRP D 26 -25.08 -11.69 -11.19
C TRP D 26 -25.21 -10.91 -12.48
N TYR D 27 -26.38 -10.30 -12.69
CA TYR D 27 -26.62 -9.42 -13.85
C TYR D 27 -26.49 -7.95 -13.47
N ASP D 28 -25.75 -7.20 -14.29
CA ASP D 28 -25.65 -5.75 -14.11
C ASP D 28 -26.98 -5.07 -14.40
N ILE D 29 -27.48 -4.29 -13.44
CA ILE D 29 -28.74 -3.53 -13.58
C ILE D 29 -28.52 -2.03 -13.84
N GLN D 30 -27.80 -1.40 -12.92
CA GLN D 30 -27.40 -0.01 -13.05
C GLN D 30 -25.94 0.10 -12.63
N ARG D 31 -25.23 1.11 -13.12
CA ARG D 31 -23.84 1.28 -12.75
C ARG D 31 -23.34 2.71 -13.01
N LEU D 32 -22.37 3.17 -12.23
CA LEU D 32 -21.70 4.44 -12.52
C LEU D 32 -20.94 4.26 -13.82
N PRO D 33 -20.79 5.33 -14.58
CA PRO D 33 -19.96 5.27 -15.79
C PRO D 33 -18.53 4.86 -15.43
N ASN D 34 -17.96 3.99 -16.27
CA ASN D 34 -16.61 3.47 -16.08
C ASN D 34 -15.87 3.28 -17.41
N LYS D 35 -14.63 2.79 -17.35
CA LYS D 35 -13.82 2.62 -18.55
C LYS D 35 -13.70 1.17 -19.04
N PHE D 36 -14.34 0.24 -18.34
CA PHE D 36 -14.20 -1.17 -18.69
C PHE D 36 -15.42 -1.76 -19.39
N GLN D 37 -16.61 -1.34 -19.00
CA GLN D 37 -17.84 -1.76 -19.69
C GLN D 37 -18.02 -0.94 -20.94
N LYS D 38 -18.06 -1.63 -22.07
CA LYS D 38 -18.05 -0.98 -23.36
C LYS D 38 -19.34 -1.25 -24.14
N GLY D 39 -20.25 -2.00 -23.53
CA GLY D 39 -21.48 -2.43 -24.18
C GLY D 39 -22.65 -2.62 -23.23
N GLU D 40 -23.32 -3.77 -23.33
CA GLU D 40 -24.49 -4.07 -22.50
C GLU D 40 -24.49 -5.56 -22.11
N CYS D 41 -25.59 -5.99 -21.49
CA CYS D 41 -25.78 -7.39 -21.13
C CYS D 41 -24.76 -7.93 -20.15
N ALA D 42 -24.13 -7.06 -19.38
CA ALA D 42 -23.01 -7.47 -18.54
C ALA D 42 -23.42 -8.46 -17.46
N THR D 43 -22.63 -9.51 -17.34
CA THR D 43 -22.76 -10.41 -16.21
C THR D 43 -21.41 -10.69 -15.59
N ALA D 44 -21.44 -10.97 -14.29
CA ALA D 44 -20.26 -11.45 -13.57
C ALA D 44 -20.52 -12.89 -13.14
N THR D 45 -19.55 -13.76 -13.38
CA THR D 45 -19.66 -15.12 -12.83
C THR D 45 -18.53 -15.43 -11.84
N TYR D 46 -18.95 -15.64 -10.60
CA TYR D 46 -18.04 -15.90 -9.49
C TYR D 46 -18.09 -17.39 -9.13
N SER D 47 -16.93 -18.02 -9.02
CA SER D 47 -16.91 -19.45 -8.77
C SER D 47 -15.95 -19.79 -7.67
N LEU D 48 -16.05 -21.02 -7.15
CA LEU D 48 -15.18 -21.48 -6.09
C LEU D 48 -13.71 -21.40 -6.51
N SER D 49 -12.83 -21.02 -5.59
CA SER D 49 -11.39 -21.05 -5.86
C SER D 49 -10.72 -22.17 -5.08
N PRO D 50 -9.73 -22.85 -5.70
CA PRO D 50 -9.00 -23.91 -5.01
C PRO D 50 -7.98 -23.38 -3.98
N GLY D 51 -7.76 -22.07 -4.00
CA GLY D 51 -6.95 -21.41 -2.98
C GLY D 51 -7.85 -20.63 -2.05
N VAL D 52 -7.56 -19.34 -1.89
CA VAL D 52 -8.44 -18.43 -1.15
C VAL D 52 -9.24 -17.55 -2.10
N GLY D 53 -10.35 -17.00 -1.61
CA GLY D 53 -11.22 -16.15 -2.41
C GLY D 53 -12.00 -16.89 -3.48
N PHE D 54 -12.24 -16.23 -4.61
CA PHE D 54 -12.97 -16.86 -5.71
C PHE D 54 -12.53 -16.30 -7.06
N SER D 55 -12.87 -17.02 -8.13
CA SER D 55 -12.54 -16.59 -9.48
C SER D 55 -13.65 -15.71 -10.02
N VAL D 56 -13.29 -14.81 -10.93
CA VAL D 56 -14.21 -13.84 -11.50
C VAL D 56 -14.25 -14.00 -13.01
N PHE D 57 -15.44 -14.05 -13.58
CA PHE D 57 -15.58 -14.08 -15.04
C PHE D 57 -16.65 -13.11 -15.49
N ASN D 58 -16.21 -11.99 -16.03
CA ASN D 58 -17.09 -10.94 -16.54
C ASN D 58 -17.33 -11.02 -18.04
N ARG D 59 -18.56 -10.73 -18.47
CA ARG D 59 -18.89 -10.94 -19.88
C ARG D 59 -19.95 -9.98 -20.36
N GLU D 60 -19.73 -9.38 -21.53
CA GLU D 60 -20.71 -8.46 -22.11
C GLU D 60 -20.80 -8.57 -23.62
N ARG D 61 -21.87 -8.03 -24.18
CA ARG D 61 -22.03 -8.00 -25.64
C ARG D 61 -21.78 -6.57 -26.13
N LEU D 62 -20.91 -6.43 -27.14
CA LEU D 62 -20.68 -5.13 -27.74
C LEU D 62 -21.80 -4.82 -28.73
N ALA D 63 -21.94 -3.54 -29.08
CA ALA D 63 -22.98 -3.12 -30.04
C ALA D 63 -22.83 -3.74 -31.43
N ASN D 64 -21.60 -4.03 -31.84
CA ASN D 64 -21.37 -4.69 -33.14
C ASN D 64 -21.52 -6.20 -33.04
N GLY D 65 -22.05 -6.67 -31.91
CA GLY D 65 -22.31 -8.08 -31.68
C GLY D 65 -21.16 -8.87 -31.08
N THR D 66 -19.95 -8.29 -31.06
CA THR D 66 -18.79 -8.97 -30.50
C THR D 66 -18.93 -9.16 -29.00
N ILE D 67 -18.68 -10.40 -28.57
CA ILE D 67 -18.72 -10.76 -27.16
C ILE D 67 -17.36 -10.57 -26.56
N LYS D 68 -17.32 -9.92 -25.40
CA LYS D 68 -16.07 -9.68 -24.69
C LYS D 68 -16.13 -10.23 -23.28
N SER D 69 -15.01 -10.78 -22.80
CA SER D 69 -14.97 -11.31 -21.45
C SER D 69 -13.58 -11.20 -20.82
N VAL D 70 -13.56 -11.15 -19.49
CA VAL D 70 -12.31 -11.14 -18.72
C VAL D 70 -12.36 -12.15 -17.56
N ILE D 71 -11.19 -12.62 -17.16
CA ILE D 71 -11.07 -13.44 -15.97
C ILE D 71 -10.31 -12.66 -14.93
N GLY D 72 -10.62 -12.91 -13.65
CA GLY D 72 -9.88 -12.27 -12.58
C GLY D 72 -10.03 -13.12 -11.34
N SER D 73 -9.40 -12.71 -10.25
CA SER D 73 -9.43 -13.41 -8.96
C SER D 73 -9.81 -12.42 -7.86
N ALA D 74 -10.76 -12.80 -7.01
CA ALA D 74 -11.17 -11.93 -5.91
C ALA D 74 -10.66 -12.45 -4.57
N ILE D 75 -10.19 -11.55 -3.74
CA ILE D 75 -9.61 -11.93 -2.45
C ILE D 75 -9.98 -10.95 -1.35
N ALA D 76 -10.47 -11.47 -0.21
CA ALA D 76 -10.61 -10.66 0.99
C ALA D 76 -9.29 -10.71 1.74
N GLU D 77 -8.52 -9.62 1.66
CA GLU D 77 -7.18 -9.62 2.22
C GLU D 77 -7.17 -9.62 3.73
N ASP D 78 -8.22 -9.06 4.32
CA ASP D 78 -8.42 -9.10 5.75
C ASP D 78 -9.64 -9.98 5.98
N PRO D 79 -9.43 -11.18 6.54
CA PRO D 79 -10.50 -12.15 6.79
C PRO D 79 -11.57 -11.60 7.71
N CYS D 80 -11.23 -10.59 8.49
CA CYS D 80 -12.16 -10.02 9.46
C CYS D 80 -13.08 -8.97 8.83
N GLU D 81 -12.75 -8.59 7.60
CA GLU D 81 -13.57 -7.71 6.77
C GLU D 81 -13.77 -8.43 5.44
N PRO D 82 -14.66 -9.45 5.47
CA PRO D 82 -14.84 -10.36 4.33
C PRO D 82 -15.53 -9.66 3.19
N ALA D 83 -16.29 -8.60 3.49
CA ALA D 83 -17.02 -7.85 2.47
C ALA D 83 -16.13 -6.86 1.71
N LYS D 84 -14.94 -6.62 2.22
CA LYS D 84 -14.00 -5.72 1.59
C LYS D 84 -12.97 -6.46 0.75
N LEU D 85 -13.31 -6.67 -0.52
CA LEU D 85 -12.51 -7.45 -1.45
C LEU D 85 -11.51 -6.62 -2.26
N GLN D 86 -10.62 -7.34 -2.94
CA GLN D 86 -9.78 -6.79 -3.99
C GLN D 86 -9.75 -7.71 -5.21
N PHE D 87 -10.03 -7.13 -6.37
CA PHE D 87 -10.13 -7.91 -7.61
C PHE D 87 -8.89 -7.73 -8.45
N PHE D 88 -8.32 -8.84 -8.90
CA PHE D 88 -7.17 -8.82 -9.77
C PHE D 88 -7.57 -9.38 -11.13
N HIS D 89 -7.93 -8.48 -12.04
CA HIS D 89 -8.32 -8.87 -13.39
C HIS D 89 -7.08 -9.02 -14.24
N GLU D 90 -7.15 -9.89 -15.23
CA GLU D 90 -6.05 -10.10 -16.14
C GLU D 90 -5.65 -8.79 -16.81
N ASN D 91 -4.35 -8.51 -16.80
CA ASN D 91 -3.78 -7.29 -17.38
C ASN D 91 -4.20 -5.99 -16.69
N ALA D 92 -4.71 -6.07 -15.46
CA ALA D 92 -5.17 -4.89 -14.75
C ALA D 92 -4.47 -4.73 -13.40
N ALA D 93 -4.31 -3.50 -12.96
CA ALA D 93 -3.87 -3.23 -11.59
C ALA D 93 -5.00 -3.59 -10.64
N PRO D 94 -4.67 -3.92 -9.37
CA PRO D 94 -5.74 -4.28 -8.43
C PRO D 94 -6.74 -3.15 -8.17
N VAL D 95 -7.99 -3.53 -8.02
CA VAL D 95 -9.02 -2.59 -7.68
C VAL D 95 -9.75 -3.09 -6.45
N PRO D 96 -10.17 -2.16 -5.58
CA PRO D 96 -11.03 -2.49 -4.44
C PRO D 96 -12.42 -2.84 -4.92
N TYR D 97 -13.17 -3.61 -4.14
CA TYR D 97 -14.51 -4.05 -4.50
C TYR D 97 -15.24 -4.38 -3.21
N TRP D 98 -16.09 -3.46 -2.74
CA TRP D 98 -16.78 -3.69 -1.48
C TRP D 98 -18.23 -4.00 -1.69
N VAL D 99 -18.72 -5.02 -1.00
CA VAL D 99 -20.13 -5.33 -1.04
C VAL D 99 -20.90 -4.62 0.07
N LEU D 100 -21.60 -3.54 -0.29
CA LEU D 100 -22.28 -2.70 0.69
C LEU D 100 -23.53 -3.35 1.27
N SER D 101 -24.18 -4.14 0.43
CA SER D 101 -25.43 -4.75 0.80
C SER D 101 -25.73 -5.88 -0.16
N THR D 102 -26.15 -7.04 0.36
CA THR D 102 -26.57 -8.13 -0.50
C THR D 102 -27.47 -9.09 0.27
N ASP D 103 -28.42 -9.67 -0.42
CA ASP D 103 -29.28 -10.69 0.18
C ASP D 103 -28.98 -12.04 -0.48
N TYR D 104 -27.90 -12.10 -1.25
CA TYR D 104 -27.44 -13.36 -1.82
C TYR D 104 -28.37 -13.94 -2.89
N ASP D 105 -29.67 -13.84 -2.68
CA ASP D 105 -30.63 -14.46 -3.60
C ASP D 105 -31.21 -13.56 -4.69
N ASN D 106 -31.00 -12.25 -4.58
CA ASN D 106 -31.66 -11.31 -5.48
C ASN D 106 -30.76 -10.22 -6.01
N TYR D 107 -30.24 -9.44 -5.08
CA TYR D 107 -29.55 -8.22 -5.42
C TYR D 107 -28.22 -8.08 -4.70
N ALA D 108 -27.48 -7.07 -5.11
CA ALA D 108 -26.24 -6.70 -4.44
C ALA D 108 -25.87 -5.27 -4.82
N LEU D 109 -25.42 -4.50 -3.85
CA LEU D 109 -24.92 -3.16 -4.11
C LEU D 109 -23.41 -3.15 -3.92
N VAL D 110 -22.69 -2.99 -5.01
CA VAL D 110 -21.24 -3.01 -5.04
C VAL D 110 -20.65 -1.61 -5.15
N TYR D 111 -19.60 -1.34 -4.38
CA TYR D 111 -18.92 -0.05 -4.41
C TYR D 111 -17.41 -0.26 -4.52
N SER D 112 -16.71 0.72 -5.09
CA SER D 112 -15.27 0.65 -5.30
C SER D 112 -14.73 2.07 -5.37
N CYS D 113 -13.66 2.37 -4.63
CA CYS D 113 -13.08 3.73 -4.65
C CYS D 113 -11.56 3.81 -4.44
N ILE D 114 -10.91 4.67 -5.24
CA ILE D 114 -9.46 4.84 -5.20
C ILE D 114 -9.16 6.33 -5.09
N ASN D 115 -8.29 6.69 -4.15
CA ASN D 115 -8.01 8.11 -3.88
C ASN D 115 -7.13 8.78 -4.94
N LEU D 116 -7.41 10.04 -5.22
CA LEU D 116 -6.68 10.81 -6.23
C LEU D 116 -6.48 12.21 -5.68
N GLY D 117 -5.57 12.35 -4.73
CA GLY D 117 -5.30 13.66 -4.14
C GLY D 117 -6.48 14.17 -3.34
N ALA D 118 -7.04 15.30 -3.76
CA ALA D 118 -8.24 15.82 -3.13
C ALA D 118 -9.53 15.35 -3.85
N SER D 119 -9.36 14.47 -4.84
CA SER D 119 -10.48 13.89 -5.58
C SER D 119 -10.44 12.36 -5.51
N HIS D 120 -11.45 11.71 -6.08
CA HIS D 120 -11.43 10.26 -6.14
C HIS D 120 -12.14 9.69 -7.38
N ALA D 121 -11.77 8.48 -7.77
CA ALA D 121 -12.44 7.76 -8.84
C ALA D 121 -13.31 6.69 -8.18
N ALA D 122 -14.60 6.69 -8.51
CA ALA D 122 -15.52 5.76 -7.90
C ALA D 122 -16.22 4.88 -8.93
N TYR D 123 -16.63 3.69 -8.49
CA TYR D 123 -17.48 2.83 -9.28
C TYR D 123 -18.52 2.24 -8.32
N ALA D 124 -19.77 2.22 -8.78
CA ALA D 124 -20.86 1.65 -8.01
C ALA D 124 -21.72 0.85 -8.95
N SER D 125 -22.40 -0.16 -8.42
CA SER D 125 -23.18 -1.05 -9.26
C SER D 125 -24.32 -1.74 -8.50
N ILE D 126 -25.48 -1.78 -9.12
CA ILE D 126 -26.57 -2.60 -8.63
C ILE D 126 -26.63 -3.82 -9.54
N VAL D 127 -26.46 -5.01 -8.98
CA VAL D 127 -26.56 -6.23 -9.75
C VAL D 127 -27.70 -7.09 -9.23
N SER D 128 -28.06 -8.11 -9.98
CA SER D 128 -29.21 -8.90 -9.63
C SER D 128 -28.97 -10.34 -10.09
N ARG D 129 -29.66 -11.30 -9.48
CA ARG D 129 -29.53 -12.70 -9.89
C ARG D 129 -30.39 -12.98 -11.12
N GLN D 130 -31.20 -11.98 -11.46
CA GLN D 130 -32.05 -11.98 -12.67
C GLN D 130 -31.74 -10.81 -13.57
N PRO D 131 -32.15 -10.91 -14.86
CA PRO D 131 -31.91 -9.82 -15.81
C PRO D 131 -32.62 -8.54 -15.42
N THR D 132 -33.64 -8.66 -14.58
CA THR D 132 -34.29 -7.47 -14.04
C THR D 132 -34.23 -7.54 -12.54
N LEU D 133 -34.44 -6.39 -11.92
CA LEU D 133 -34.55 -6.32 -10.50
C LEU D 133 -35.77 -5.48 -10.26
N PRO D 134 -36.59 -5.85 -9.25
CA PRO D 134 -37.81 -5.12 -8.97
C PRO D 134 -37.53 -3.63 -8.79
N GLU D 135 -38.50 -2.80 -9.15
CA GLU D 135 -38.33 -1.36 -9.04
C GLU D 135 -38.04 -0.89 -7.61
N GLU D 136 -38.70 -1.51 -6.63
CA GLU D 136 -38.52 -1.13 -5.24
C GLU D 136 -37.11 -1.40 -4.74
N THR D 137 -36.57 -2.58 -5.07
CA THR D 137 -35.21 -2.93 -4.64
C THR D 137 -34.22 -1.90 -5.17
N ILE D 138 -34.35 -1.58 -6.45
CA ILE D 138 -33.51 -0.56 -7.10
C ILE D 138 -33.58 0.81 -6.39
N LYS D 139 -34.78 1.26 -6.05
CA LYS D 139 -34.93 2.56 -5.39
C LYS D 139 -34.23 2.56 -4.03
N LYS D 140 -34.34 1.45 -3.30
CA LYS D 140 -33.71 1.29 -1.99
C LYS D 140 -32.20 1.38 -2.05
N LEU D 141 -31.62 0.66 -3.00
CA LEU D 141 -30.18 0.67 -3.17
C LEU D 141 -29.70 2.04 -3.68
N GLN D 142 -30.51 2.69 -4.51
CA GLN D 142 -30.19 4.04 -4.95
C GLN D 142 -30.16 4.99 -3.76
N GLY D 143 -31.04 4.71 -2.80
CA GLY D 143 -31.16 5.47 -1.57
C GLY D 143 -29.90 5.46 -0.73
N THR D 144 -29.32 4.28 -0.57
CA THR D 144 -28.07 4.18 0.19
C THR D 144 -26.94 4.89 -0.58
N MET D 145 -26.92 4.73 -1.91
CA MET D 145 -25.91 5.37 -2.77
C MET D 145 -25.83 6.86 -2.56
N SER D 146 -26.98 7.48 -2.33
CA SER D 146 -27.01 8.93 -2.16
C SER D 146 -26.26 9.33 -0.91
N SER D 147 -26.33 8.49 0.12
CA SER D 147 -25.71 8.80 1.42
C SER D 147 -24.18 8.89 1.41
N PHE D 148 -23.52 8.27 0.43
CA PHE D 148 -22.08 8.42 0.28
C PHE D 148 -21.62 9.13 -1.01
N GLY D 149 -22.50 9.95 -1.57
CA GLY D 149 -22.11 10.88 -2.61
C GLY D 149 -22.13 10.37 -4.05
N VAL D 150 -22.87 9.30 -4.32
CA VAL D 150 -23.15 8.92 -5.70
C VAL D 150 -24.49 9.52 -6.10
N GLY D 151 -24.55 10.19 -7.24
CA GLY D 151 -25.79 10.78 -7.70
C GLY D 151 -26.59 9.73 -8.44
N VAL D 152 -27.85 9.56 -8.09
CA VAL D 152 -28.72 8.61 -8.78
C VAL D 152 -28.89 9.02 -10.26
N ASP D 153 -28.87 10.33 -10.48
CA ASP D 153 -28.95 10.93 -11.81
C ASP D 153 -27.79 10.55 -12.73
N THR D 154 -26.65 10.24 -12.14
CA THR D 154 -25.42 9.96 -12.88
C THR D 154 -25.29 8.50 -13.28
N LEU D 155 -26.25 7.69 -12.89
CA LEU D 155 -26.22 6.26 -13.15
C LEU D 155 -26.63 5.85 -14.57
N LEU D 156 -26.00 4.81 -15.10
CA LEU D 156 -26.41 4.25 -16.38
C LEU D 156 -27.18 2.96 -16.12
N THR D 157 -28.26 2.77 -16.86
CA THR D 157 -29.00 1.53 -16.84
C THR D 157 -28.44 0.58 -17.87
N THR D 158 -28.20 -0.66 -17.47
CA THR D 158 -27.62 -1.62 -18.39
C THR D 158 -28.71 -2.39 -19.12
N ASN D 159 -28.55 -2.53 -20.43
CA ASN D 159 -29.51 -3.29 -21.23
C ASN D 159 -29.36 -4.77 -20.98
N GLN D 160 -30.42 -5.35 -20.46
CA GLN D 160 -30.48 -6.78 -20.20
C GLN D 160 -31.63 -7.49 -20.93
N ASP D 161 -32.15 -6.85 -21.98
CA ASP D 161 -33.23 -7.42 -22.79
C ASP D 161 -32.87 -8.82 -23.30
N ALA D 162 -33.79 -9.77 -23.10
CA ALA D 162 -33.54 -11.16 -23.41
C ALA D 162 -33.18 -11.47 -24.86
N ALA D 163 -33.92 -10.88 -25.79
CA ALA D 163 -33.69 -11.15 -27.22
C ALA D 163 -32.35 -10.62 -27.64
N TYR D 164 -32.12 -9.34 -27.36
CA TYR D 164 -30.90 -8.69 -27.79
C TYR D 164 -29.62 -9.38 -27.24
N CYS D 165 -29.70 -9.91 -26.01
CA CYS D 165 -28.52 -10.45 -25.34
C CYS D 165 -28.16 -11.92 -25.68
N SER D 166 -29.08 -12.65 -26.31
CA SER D 166 -28.82 -14.03 -26.68
C SER D 166 -27.86 -14.14 -27.86
#